data_6A3N
#
_entry.id   6A3N
#
_cell.length_a   104.110
_cell.length_b   104.110
_cell.length_c   269.079
_cell.angle_alpha   90.00
_cell.angle_beta   90.00
_cell.angle_gamma   90.00
#
_symmetry.space_group_name_H-M   'P 41 21 2'
#
loop_
_entity.id
_entity.type
_entity.pdbx_description
1 polymer "High affinity cGMP-specific 3',5'-cyclic phosphodiesterase 9A"
2 non-polymer 'ZINC ION'
3 non-polymer 'MAGNESIUM ION'
4 non-polymer 1-cyclopentyl-6-({(2R)-1-[(3S)-3-fluoropyrrolidin-1-yl]-1-oxopropan-2-yl}amino)-1,5-dihydro-4H-pyrazolo[3,4-d]pyrimidin-4-one
5 water water
#
_entity_poly.entity_id   1
_entity_poly.type   'polypeptide(L)'
_entity_poly.pdbx_seq_one_letter_code
;KYLLSPETIEALRKPTFDVWLWEPNEMLSCLEHMYHDLGLVRDFSINPVTLRRWLFCVHDNYRNNPFHNFRHCFCVAQMM
YSMVWLCSLQEKFSQTDILILMTAAICHDLDHPGYNNTYQINARTELAVRYNDISPLENHHCAVAFQILAEPECNIFSNI
PPDGFKQIRQGMITLILATDMARHAEIMDSFKEKMENFDYSNEEHMTLLKMILIKCCDISNEVRPMEVAEPWVDCLLEEY
FMQSDREKSEGLPVAPFMDRDKVTKATAQIGFIKFVLIPMFETVTKLFPMVEEIMLQPLWESRDRYEELKRIDDAMKELQ
KK
;
_entity_poly.pdbx_strand_id   A,B
#
# COMPACT_ATOMS: atom_id res chain seq x y z
N LYS A 1 38.71 5.93 18.07
CA LYS A 1 37.34 6.31 17.56
C LYS A 1 36.40 5.09 17.62
N TYR A 2 36.44 4.22 16.61
CA TYR A 2 35.87 2.87 16.72
C TYR A 2 36.73 2.08 17.71
N LEU A 3 36.15 1.01 18.26
CA LEU A 3 36.52 0.46 19.58
C LEU A 3 36.03 1.46 20.63
N LEU A 4 34.82 1.23 21.13
CA LEU A 4 34.14 2.19 21.98
C LEU A 4 34.59 1.99 23.42
N SER A 5 34.84 3.09 24.12
CA SER A 5 35.26 3.02 25.52
C SER A 5 34.11 2.52 26.40
N PRO A 6 34.43 1.86 27.53
CA PRO A 6 33.39 1.49 28.50
C PRO A 6 32.43 2.64 28.90
N GLU A 7 32.92 3.89 28.88
CA GLU A 7 32.12 5.07 29.22
C GLU A 7 31.04 5.31 28.16
N THR A 8 31.47 5.30 26.90
CA THR A 8 30.59 5.40 25.73
C THR A 8 29.51 4.32 25.73
N ILE A 9 29.88 3.09 26.09
CA ILE A 9 28.92 1.98 26.20
C ILE A 9 27.84 2.24 27.25
N GLU A 10 28.20 2.86 28.37
CA GLU A 10 27.24 3.21 29.40
C GLU A 10 26.34 4.39 28.99
N ALA A 11 26.92 5.46 28.45
CA ALA A 11 26.15 6.65 28.04
C ALA A 11 25.18 6.37 26.88
N LEU A 12 25.56 5.43 26.02
CA LEU A 12 24.73 4.94 24.90
C LEU A 12 23.39 4.33 25.34
N ARG A 13 23.30 3.85 26.58
CA ARG A 13 22.06 3.25 27.11
C ARG A 13 20.96 4.24 27.53
N LYS A 14 21.20 5.55 27.41
CA LYS A 14 20.30 6.57 27.94
C LYS A 14 19.96 7.62 26.88
N PRO A 15 18.82 8.35 27.04
CA PRO A 15 18.43 9.39 26.08
C PRO A 15 19.34 10.65 26.04
N THR A 16 20.18 10.81 27.07
CA THR A 16 21.15 11.92 27.16
C THR A 16 22.36 11.84 26.19
N PHE A 17 22.60 10.69 25.58
CA PHE A 17 23.72 10.47 24.64
C PHE A 17 23.89 11.61 23.61
N ASP A 18 25.10 12.19 23.56
CA ASP A 18 25.42 13.29 22.66
C ASP A 18 25.66 12.69 21.28
N VAL A 19 24.57 12.65 20.50
CA VAL A 19 24.58 12.06 19.16
C VAL A 19 25.52 12.78 18.19
N TRP A 20 25.81 14.06 18.45
CA TRP A 20 26.69 14.86 17.60
C TRP A 20 28.21 14.58 17.67
N LEU A 21 28.70 13.99 18.76
CA LEU A 21 30.15 13.73 18.92
C LEU A 21 30.80 12.71 17.97
N TRP A 22 30.00 11.88 17.31
CA TRP A 22 30.49 10.66 16.68
C TRP A 22 30.37 10.73 15.16
N GLU A 23 31.45 10.34 14.46
CA GLU A 23 31.44 10.25 13.00
C GLU A 23 30.81 8.93 12.58
N PRO A 24 30.49 8.77 11.27
CA PRO A 24 29.80 7.55 10.80
C PRO A 24 30.41 6.23 11.28
N ASN A 25 31.75 6.17 11.27
CA ASN A 25 32.54 5.08 11.88
C ASN A 25 31.96 4.58 13.20
N GLU A 26 31.80 5.50 14.13
CA GLU A 26 31.52 5.21 15.53
C GLU A 26 30.04 4.88 15.75
N MET A 27 29.15 5.61 15.06
CA MET A 27 27.71 5.36 15.12
C MET A 27 27.36 3.96 14.65
N LEU A 28 28.05 3.49 13.61
CA LEU A 28 27.90 2.12 13.16
C LEU A 28 28.30 1.11 14.25
N SER A 29 29.52 1.26 14.78
CA SER A 29 30.01 0.41 15.90
C SER A 29 29.07 0.41 17.11
N CYS A 30 28.47 1.57 17.41
CA CYS A 30 27.40 1.70 18.42
C CYS A 30 26.18 0.82 18.10
N LEU A 31 25.63 1.01 16.90
CA LEU A 31 24.49 0.21 16.43
C LEU A 31 24.79 -1.28 16.49
N GLU A 32 26.00 -1.64 16.04
CA GLU A 32 26.52 -3.01 16.16
C GLU A 32 26.48 -3.51 17.60
N HIS A 33 27.07 -2.73 18.51
CA HIS A 33 27.08 -3.08 19.94
C HIS A 33 25.65 -3.31 20.47
N MET A 34 24.71 -2.49 20.01
CA MET A 34 23.31 -2.62 20.41
C MET A 34 22.77 -4.04 20.12
N TYR A 35 23.14 -4.59 18.97
CA TYR A 35 22.65 -5.91 18.55
C TYR A 35 23.25 -7.05 19.37
N HIS A 36 24.55 -6.96 19.67
CA HIS A 36 25.22 -7.93 20.56
C HIS A 36 24.63 -7.84 21.97
N ASP A 37 24.56 -6.61 22.50
CA ASP A 37 24.15 -6.35 23.88
C ASP A 37 22.71 -6.75 24.21
N LEU A 38 21.80 -6.48 23.27
CA LEU A 38 20.39 -6.90 23.36
C LEU A 38 20.15 -8.42 23.16
N GLY A 39 21.21 -9.17 22.88
CA GLY A 39 21.12 -10.62 22.68
C GLY A 39 20.48 -11.02 21.37
N LEU A 40 20.45 -10.09 20.40
CA LEU A 40 19.86 -10.37 19.08
C LEU A 40 20.84 -11.15 18.21
N VAL A 41 22.11 -10.85 18.31
CA VAL A 41 23.12 -11.62 17.58
C VAL A 41 23.13 -13.06 18.10
N ARG A 42 23.13 -13.21 19.41
CA ARG A 42 23.04 -14.52 20.05
C ARG A 42 21.76 -15.29 19.65
N ASP A 43 20.61 -14.76 20.02
CA ASP A 43 19.31 -15.46 19.84
C ASP A 43 18.84 -15.68 18.37
N PHE A 44 19.39 -14.93 17.42
CA PHE A 44 19.03 -15.10 16.01
C PHE A 44 20.18 -15.61 15.13
N SER A 45 21.20 -16.17 15.77
CA SER A 45 22.33 -16.76 15.07
C SER A 45 22.90 -15.84 14.00
N ILE A 46 22.95 -14.55 14.30
CA ILE A 46 23.36 -13.55 13.32
C ILE A 46 24.87 -13.65 13.19
N ASN A 47 25.35 -13.64 11.96
CA ASN A 47 26.79 -13.65 11.69
C ASN A 47 27.30 -12.24 11.96
N PRO A 48 28.18 -12.06 12.97
CA PRO A 48 28.66 -10.71 13.30
C PRO A 48 29.38 -9.98 12.18
N VAL A 49 29.94 -10.72 11.22
CA VAL A 49 30.59 -10.07 10.08
C VAL A 49 29.51 -9.53 9.13
N THR A 50 28.44 -10.32 8.96
CA THR A 50 27.29 -9.89 8.17
C THR A 50 26.63 -8.67 8.81
N LEU A 51 26.53 -8.66 10.13
CA LEU A 51 26.01 -7.51 10.88
C LEU A 51 26.75 -6.20 10.50
N ARG A 52 28.08 -6.27 10.40
CA ARG A 52 28.88 -5.10 10.02
C ARG A 52 28.63 -4.65 8.57
N ARG A 53 28.53 -5.60 7.65
CA ARG A 53 28.29 -5.30 6.23
C ARG A 53 26.86 -4.76 5.99
N TRP A 54 25.87 -5.30 6.70
CA TRP A 54 24.49 -4.81 6.63
C TRP A 54 24.47 -3.32 6.98
N LEU A 55 25.03 -3.01 8.15
CA LEU A 55 25.07 -1.65 8.66
C LEU A 55 25.80 -0.69 7.72
N PHE A 56 26.92 -1.11 7.12
CA PHE A 56 27.59 -0.25 6.14
C PHE A 56 26.67 0.04 4.96
N CYS A 57 25.95 -0.99 4.49
CA CYS A 57 25.04 -0.86 3.35
C CYS A 57 23.84 0.03 3.68
N VAL A 58 23.30 -0.15 4.90
CA VAL A 58 22.22 0.71 5.38
C VAL A 58 22.69 2.14 5.32
N HIS A 59 23.76 2.45 6.04
CA HIS A 59 24.40 3.77 6.03
C HIS A 59 24.66 4.33 4.62
N ASP A 60 25.08 3.46 3.72
CA ASP A 60 25.31 3.85 2.33
C ASP A 60 24.00 4.29 1.66
N ASN A 61 22.91 3.59 1.97
CA ASN A 61 21.58 3.94 1.45
C ASN A 61 20.79 5.05 2.17
N TYR A 62 21.43 5.81 3.05
CA TYR A 62 20.87 7.08 3.53
C TYR A 62 21.56 8.23 2.80
N ARG A 63 20.81 9.30 2.57
CA ARG A 63 21.27 10.42 1.75
C ARG A 63 21.76 11.55 2.61
N ASN A 64 22.55 12.46 2.02
CA ASN A 64 23.05 13.65 2.75
C ASN A 64 22.06 14.81 2.68
N ASN A 65 20.88 14.59 3.24
CA ASN A 65 19.88 15.63 3.37
C ASN A 65 20.09 16.31 4.72
N PRO A 66 19.64 17.58 4.86
CA PRO A 66 19.86 18.31 6.12
C PRO A 66 19.32 17.57 7.35
N PHE A 67 18.10 17.06 7.27
CA PHE A 67 17.45 16.38 8.40
C PHE A 67 17.43 14.87 8.27
N HIS A 68 16.86 14.34 7.19
CA HIS A 68 16.67 12.89 7.05
C HIS A 68 17.91 12.18 6.50
N ASN A 69 18.87 12.04 7.41
CA ASN A 69 20.22 11.51 7.14
C ASN A 69 20.53 10.34 8.07
N PHE A 70 21.71 9.74 7.89
CA PHE A 70 22.14 8.64 8.75
C PHE A 70 22.16 9.01 10.24
N ARG A 71 22.45 10.26 10.54
CA ARG A 71 22.49 10.68 11.92
C ARG A 71 21.09 10.65 12.54
N HIS A 72 20.06 11.01 11.76
CA HIS A 72 18.64 10.88 12.20
C HIS A 72 18.33 9.41 12.41
N CYS A 73 18.77 8.59 11.48
CA CYS A 73 18.67 7.14 11.59
C CYS A 73 19.26 6.67 12.91
N PHE A 74 20.50 7.07 13.17
CA PHE A 74 21.16 6.73 14.43
C PHE A 74 20.37 7.19 15.66
N CYS A 75 19.83 8.41 15.65
CA CYS A 75 19.05 8.92 16.79
C CYS A 75 17.84 8.05 17.11
N VAL A 76 17.12 7.65 16.07
CA VAL A 76 15.89 6.88 16.25
C VAL A 76 16.19 5.49 16.82
N ALA A 77 17.18 4.80 16.26
CA ALA A 77 17.57 3.51 16.82
C ALA A 77 18.21 3.67 18.21
N GLN A 78 18.99 4.73 18.43
CA GLN A 78 19.58 4.96 19.76
C GLN A 78 18.50 5.25 20.80
N MET A 79 17.47 6.01 20.42
CA MET A 79 16.37 6.29 21.34
C MET A 79 15.54 5.05 21.60
N MET A 80 15.46 4.15 20.62
CA MET A 80 14.79 2.87 20.81
C MET A 80 15.53 2.00 21.82
N TYR A 81 16.84 1.91 21.64
CA TYR A 81 17.76 1.27 22.59
C TYR A 81 17.60 1.77 24.03
N SER A 82 17.56 3.09 24.20
CA SER A 82 17.32 3.74 25.51
C SER A 82 16.01 3.33 26.14
N MET A 83 14.98 3.27 25.31
CA MET A 83 13.64 2.93 25.78
C MET A 83 13.53 1.47 26.22
N VAL A 84 14.19 0.56 25.50
CA VAL A 84 14.31 -0.85 25.90
C VAL A 84 14.71 -0.96 27.37
N TRP A 85 15.77 -0.24 27.74
CA TRP A 85 16.30 -0.28 29.11
C TRP A 85 15.44 0.51 30.09
N LEU A 86 15.03 1.71 29.70
CA LEU A 86 14.20 2.56 30.56
C LEU A 86 12.87 1.90 30.88
N CYS A 87 12.21 1.34 29.87
CA CYS A 87 10.90 0.71 30.03
C CYS A 87 10.94 -0.80 30.30
N SER A 88 12.16 -1.37 30.35
CA SER A 88 12.39 -2.80 30.64
C SER A 88 11.60 -3.64 29.65
N LEU A 89 11.78 -3.30 28.37
CA LEU A 89 10.98 -3.88 27.31
C LEU A 89 11.22 -5.37 27.15
N GLN A 90 12.42 -5.85 27.48
CA GLN A 90 12.71 -7.29 27.41
C GLN A 90 11.89 -8.15 28.41
N GLU A 91 11.30 -7.50 29.43
CA GLU A 91 10.31 -8.12 30.33
C GLU A 91 8.86 -8.12 29.81
N LYS A 92 8.60 -7.41 28.71
CA LYS A 92 7.25 -7.33 28.08
C LYS A 92 7.19 -7.85 26.63
N PHE A 93 8.30 -7.75 25.91
CA PHE A 93 8.37 -8.05 24.49
C PHE A 93 9.29 -9.23 24.24
N SER A 94 8.94 -10.03 23.25
CA SER A 94 9.81 -11.10 22.80
C SER A 94 11.09 -10.53 22.18
N GLN A 95 12.10 -11.37 22.04
CA GLN A 95 13.32 -11.02 21.32
C GLN A 95 13.03 -10.72 19.85
N THR A 96 12.10 -11.47 19.26
CA THR A 96 11.61 -11.19 17.93
C THR A 96 11.01 -9.80 17.85
N ASP A 97 10.21 -9.41 18.84
CA ASP A 97 9.67 -8.05 18.88
C ASP A 97 10.76 -6.95 19.00
N ILE A 98 11.77 -7.19 19.83
CA ILE A 98 12.92 -6.26 19.95
C ILE A 98 13.63 -6.17 18.60
N LEU A 99 13.86 -7.32 17.94
CA LEU A 99 14.52 -7.34 16.64
C LEU A 99 13.73 -6.49 15.64
N ILE A 100 12.41 -6.66 15.64
CA ILE A 100 11.51 -5.85 14.80
C ILE A 100 11.64 -4.35 15.11
N LEU A 101 11.76 -4.00 16.40
CA LEU A 101 11.80 -2.59 16.84
C LEU A 101 13.10 -1.88 16.45
N MET A 102 14.22 -2.57 16.63
CA MET A 102 15.53 -1.99 16.36
C MET A 102 15.78 -1.92 14.89
N THR A 103 15.53 -3.04 14.21
CA THR A 103 15.76 -3.12 12.78
C THR A 103 14.86 -2.15 12.02
N ALA A 104 13.62 -1.96 12.49
CA ALA A 104 12.68 -1.02 11.87
C ALA A 104 13.17 0.40 12.04
N ALA A 105 13.58 0.71 13.26
CA ALA A 105 14.05 2.05 13.59
C ALA A 105 15.27 2.46 12.76
N ILE A 106 16.21 1.53 12.58
CA ILE A 106 17.38 1.77 11.75
C ILE A 106 16.97 2.00 10.29
N CYS A 107 16.05 1.17 9.81
CA CYS A 107 15.69 1.14 8.40
C CYS A 107 14.63 2.17 7.99
N HIS A 108 14.08 2.92 8.92
CA HIS A 108 12.78 3.57 8.70
C HIS A 108 12.75 4.72 7.72
N ASP A 109 13.88 5.35 7.42
CA ASP A 109 13.93 6.45 6.45
C ASP A 109 14.95 6.20 5.34
N LEU A 110 15.15 4.94 4.94
CA LEU A 110 16.12 4.61 3.90
C LEU A 110 15.85 5.32 2.57
N ASP A 111 16.91 5.93 2.03
CA ASP A 111 16.90 6.64 0.76
C ASP A 111 15.84 7.74 0.70
N HIS A 112 15.61 8.41 1.83
CA HIS A 112 14.65 9.51 1.86
C HIS A 112 15.23 10.61 0.97
N PRO A 113 14.43 11.17 0.03
CA PRO A 113 14.92 12.21 -0.91
C PRO A 113 15.04 13.65 -0.38
N GLY A 114 14.34 13.95 0.72
CA GLY A 114 14.42 15.26 1.37
C GLY A 114 13.24 16.16 1.02
N TYR A 115 12.23 15.56 0.38
CA TYR A 115 10.94 16.18 0.14
C TYR A 115 9.87 15.18 0.57
N ASN A 116 8.88 15.64 1.34
CA ASN A 116 7.90 14.74 1.99
C ASN A 116 6.84 14.18 1.02
N ASN A 117 5.87 13.44 1.58
CA ASN A 117 4.78 12.84 0.78
C ASN A 117 3.96 13.87 -0.01
N THR A 118 3.64 15.01 0.62
CA THR A 118 2.90 16.08 -0.05
C THR A 118 3.63 16.57 -1.30
N TYR A 119 4.96 16.62 -1.28
CA TYR A 119 5.70 16.95 -2.51
C TYR A 119 5.55 15.85 -3.53
N GLN A 120 5.84 14.62 -3.11
CA GLN A 120 5.79 13.45 -3.99
C GLN A 120 4.48 13.41 -4.79
N ILE A 121 3.37 13.62 -4.08
CA ILE A 121 2.03 13.47 -4.64
C ILE A 121 1.65 14.66 -5.54
N ASN A 122 1.94 15.88 -5.11
CA ASN A 122 1.65 17.08 -5.92
C ASN A 122 2.56 17.27 -7.14
N ALA A 123 3.75 16.71 -7.12
CA ALA A 123 4.65 16.77 -8.29
C ALA A 123 4.57 15.52 -9.14
N ARG A 124 3.75 14.55 -8.74
CA ARG A 124 3.56 13.30 -9.48
C ARG A 124 4.89 12.60 -9.80
N THR A 125 5.64 12.36 -8.74
CA THR A 125 6.98 11.80 -8.81
C THR A 125 6.91 10.32 -9.07
N GLU A 126 7.99 9.77 -9.62
CA GLU A 126 8.11 8.31 -9.80
C GLU A 126 7.54 7.57 -8.61
N LEU A 127 7.93 8.00 -7.41
CA LEU A 127 7.50 7.36 -6.16
C LEU A 127 6.01 7.41 -5.94
N ALA A 128 5.41 8.58 -6.16
CA ALA A 128 3.97 8.74 -5.98
C ALA A 128 3.16 7.90 -6.98
N VAL A 129 3.64 7.82 -8.21
CA VAL A 129 2.95 7.07 -9.28
C VAL A 129 3.14 5.58 -9.02
N ARG A 130 4.34 5.23 -8.56
CA ARG A 130 4.68 3.86 -8.18
C ARG A 130 3.80 3.36 -7.06
N TYR A 131 3.64 4.17 -6.01
CA TYR A 131 2.94 3.75 -4.80
C TYR A 131 1.50 4.24 -4.68
N ASN A 132 0.94 4.77 -5.77
CA ASN A 132 -0.50 5.09 -5.88
C ASN A 132 -0.99 6.12 -4.86
N ASP A 133 -0.16 7.13 -4.63
CA ASP A 133 -0.38 8.15 -3.60
C ASP A 133 -0.41 7.59 -2.14
N ILE A 134 -0.16 6.30 -1.93
CA ILE A 134 -0.29 5.71 -0.60
C ILE A 134 1.09 5.69 0.06
N SER A 135 1.26 6.53 1.08
CA SER A 135 2.52 6.67 1.81
C SER A 135 3.73 6.31 0.93
N PRO A 136 3.94 7.08 -0.16
CA PRO A 136 5.00 6.69 -1.09
C PRO A 136 6.40 6.58 -0.49
N LEU A 137 6.78 7.49 0.41
CA LEU A 137 8.13 7.45 0.99
C LEU A 137 8.28 6.28 1.93
N GLU A 138 7.28 6.06 2.77
CA GLU A 138 7.36 5.01 3.76
C GLU A 138 7.43 3.63 3.11
N ASN A 139 6.60 3.40 2.09
CA ASN A 139 6.64 2.12 1.34
C ASN A 139 8.02 1.89 0.71
N HIS A 140 8.62 2.97 0.19
CA HIS A 140 9.94 2.93 -0.43
C HIS A 140 11.04 2.66 0.59
N HIS A 141 10.91 3.20 1.80
CA HIS A 141 11.87 2.92 2.88
C HIS A 141 11.93 1.43 3.15
N CYS A 142 10.75 0.82 3.27
CA CYS A 142 10.61 -0.63 3.46
C CYS A 142 11.19 -1.43 2.30
N ALA A 143 10.85 -1.00 1.10
CA ALA A 143 11.36 -1.60 -0.11
C ALA A 143 12.89 -1.61 -0.14
N VAL A 144 13.51 -0.47 0.13
CA VAL A 144 14.97 -0.39 0.18
C VAL A 144 15.54 -1.29 1.30
N ALA A 145 14.86 -1.35 2.44
CA ALA A 145 15.36 -2.16 3.58
C ALA A 145 15.46 -3.65 3.24
N PHE A 146 14.48 -4.15 2.50
CA PHE A 146 14.40 -5.57 2.14
C PHE A 146 15.08 -5.92 0.82
N GLN A 147 15.35 -4.94 -0.04
CA GLN A 147 16.30 -5.10 -1.14
C GLN A 147 17.67 -5.40 -0.57
N ILE A 148 18.08 -4.58 0.39
CA ILE A 148 19.32 -4.76 1.13
C ILE A 148 19.38 -6.14 1.79
N LEU A 149 18.36 -6.48 2.58
CA LEU A 149 18.32 -7.81 3.22
C LEU A 149 18.28 -9.01 2.25
N ALA A 150 17.82 -8.80 1.01
CA ALA A 150 17.82 -9.85 -0.01
C ALA A 150 19.22 -10.16 -0.54
N GLU A 151 20.13 -9.20 -0.45
CA GLU A 151 21.54 -9.44 -0.76
C GLU A 151 22.13 -10.32 0.37
N PRO A 152 22.70 -11.51 0.04
CA PRO A 152 23.14 -12.43 1.12
C PRO A 152 24.30 -11.91 1.98
N GLU A 153 25.16 -11.09 1.41
CA GLU A 153 26.26 -10.45 2.15
C GLU A 153 25.80 -9.33 3.08
N CYS A 154 24.57 -8.83 2.91
CA CYS A 154 23.99 -7.85 3.85
C CYS A 154 22.88 -8.46 4.72
N ASN A 155 22.66 -9.76 4.62
CA ASN A 155 21.47 -10.39 5.22
C ASN A 155 21.65 -10.83 6.68
N ILE A 156 21.29 -9.96 7.60
CA ILE A 156 21.31 -10.29 9.04
C ILE A 156 20.29 -11.35 9.48
N PHE A 157 19.33 -11.69 8.62
CA PHE A 157 18.34 -12.69 8.97
C PHE A 157 18.62 -14.08 8.36
N SER A 158 19.78 -14.23 7.72
CA SER A 158 20.14 -15.45 6.95
C SER A 158 19.98 -16.80 7.65
N ASN A 159 20.11 -16.84 8.97
CA ASN A 159 19.94 -18.08 9.76
C ASN A 159 18.63 -18.16 10.56
N ILE A 160 17.66 -17.33 10.20
CA ILE A 160 16.35 -17.38 10.84
C ILE A 160 15.49 -18.28 9.94
N PRO A 161 14.63 -19.14 10.54
CA PRO A 161 13.74 -19.92 9.66
C PRO A 161 12.76 -19.04 8.86
N PRO A 162 12.08 -19.60 7.85
CA PRO A 162 11.14 -18.79 7.08
C PRO A 162 9.97 -18.22 7.90
N ASP A 163 9.38 -19.04 8.78
CA ASP A 163 8.29 -18.59 9.62
C ASP A 163 8.66 -17.31 10.39
N GLY A 164 9.83 -17.33 11.01
CA GLY A 164 10.36 -16.16 11.74
C GLY A 164 10.59 -14.94 10.85
N PHE A 165 11.21 -15.16 9.69
CA PHE A 165 11.41 -14.09 8.72
C PHE A 165 10.09 -13.45 8.29
N LYS A 166 9.10 -14.26 7.91
CA LYS A 166 7.77 -13.73 7.56
C LYS A 166 7.19 -12.84 8.66
N GLN A 167 7.31 -13.29 9.90
CA GLN A 167 6.83 -12.54 11.07
C GLN A 167 7.58 -11.21 11.27
N ILE A 168 8.90 -11.22 11.06
CA ILE A 168 9.72 -10.02 11.17
C ILE A 168 9.41 -9.04 10.02
N ARG A 169 9.42 -9.54 8.80
CA ARG A 169 9.05 -8.76 7.61
C ARG A 169 7.76 -8.00 7.84
N GLN A 170 6.73 -8.76 8.18
CA GLN A 170 5.40 -8.22 8.45
C GLN A 170 5.45 -7.13 9.54
N GLY A 171 6.14 -7.42 10.64
CA GLY A 171 6.27 -6.50 11.78
C GLY A 171 7.00 -5.20 11.47
N MET A 172 8.15 -5.32 10.79
CA MET A 172 8.93 -4.17 10.35
C MET A 172 8.14 -3.27 9.40
N ILE A 173 7.38 -3.92 8.49
CA ILE A 173 6.54 -3.24 7.51
C ILE A 173 5.45 -2.41 8.17
N THR A 174 4.74 -3.03 9.11
CA THR A 174 3.76 -2.30 9.91
C THR A 174 4.39 -1.07 10.55
N LEU A 175 5.56 -1.26 11.18
CA LEU A 175 6.22 -0.18 11.90
C LEU A 175 6.70 0.91 10.97
N ILE A 176 7.47 0.57 9.95
CA ILE A 176 7.98 1.59 9.03
C ILE A 176 6.82 2.40 8.42
N LEU A 177 5.75 1.72 7.99
CA LEU A 177 4.56 2.40 7.44
C LEU A 177 3.79 3.24 8.45
N ALA A 178 3.95 2.91 9.74
CA ALA A 178 3.37 3.72 10.82
C ALA A 178 4.06 5.07 11.03
N THR A 179 5.27 5.25 10.51
CA THR A 179 6.01 6.50 10.74
C THR A 179 5.53 7.66 9.89
N ASP A 180 4.69 7.42 8.88
CA ASP A 180 4.03 8.46 8.09
C ASP A 180 3.15 9.32 9.00
N MET A 181 3.52 10.58 9.19
CA MET A 181 2.84 11.46 10.18
C MET A 181 1.42 11.83 9.81
N ALA A 182 1.02 11.56 8.56
CA ALA A 182 -0.36 11.74 8.13
C ALA A 182 -1.32 10.81 8.88
N ARG A 183 -0.81 9.70 9.40
CA ARG A 183 -1.62 8.76 10.19
C ARG A 183 -1.49 8.93 11.71
N HIS A 184 -0.89 10.03 12.16
CA HIS A 184 -0.59 10.20 13.58
C HIS A 184 -1.83 10.13 14.46
N ALA A 185 -2.89 10.83 14.03
CA ALA A 185 -4.13 10.93 14.81
C ALA A 185 -4.87 9.60 14.81
N GLU A 186 -5.03 9.02 13.62
CA GLU A 186 -5.59 7.67 13.45
C GLU A 186 -4.88 6.66 14.36
N ILE A 187 -3.55 6.61 14.30
CA ILE A 187 -2.77 5.66 15.10
C ILE A 187 -2.90 5.95 16.61
N MET A 188 -2.76 7.21 17.00
CA MET A 188 -2.95 7.59 18.41
C MET A 188 -4.34 7.26 18.94
N ASP A 189 -5.38 7.52 18.15
CA ASP A 189 -6.76 7.16 18.51
C ASP A 189 -6.97 5.65 18.63
N SER A 190 -6.38 4.88 17.71
CA SER A 190 -6.39 3.41 17.80
C SER A 190 -5.67 2.92 19.05
N PHE A 191 -4.56 3.58 19.39
CA PHE A 191 -3.78 3.23 20.58
C PHE A 191 -4.56 3.59 21.85
N LYS A 192 -5.07 4.83 21.89
CA LYS A 192 -5.90 5.29 23.02
C LYS A 192 -7.16 4.43 23.25
N GLU A 193 -7.77 3.97 22.15
CA GLU A 193 -8.90 3.04 22.22
C GLU A 193 -8.53 1.77 23.01
N LYS A 194 -7.41 1.13 22.67
CA LYS A 194 -6.96 -0.08 23.39
C LYS A 194 -6.54 0.24 24.82
N MET A 195 -6.03 1.45 25.01
CA MET A 195 -5.48 1.89 26.29
C MET A 195 -6.52 2.06 27.40
N GLU A 196 -7.78 2.27 27.03
CA GLU A 196 -8.92 2.22 27.97
C GLU A 196 -8.86 0.99 28.89
N ASN A 197 -8.38 -0.13 28.35
CA ASN A 197 -8.08 -1.32 29.13
C ASN A 197 -7.04 -2.19 28.40
N PHE A 198 -5.77 -1.83 28.58
CA PHE A 198 -4.64 -2.46 27.85
C PHE A 198 -4.38 -3.90 28.31
N ASP A 199 -3.77 -4.70 27.44
CA ASP A 199 -3.57 -6.13 27.63
C ASP A 199 -2.35 -6.61 26.83
N TYR A 200 -1.28 -6.99 27.52
CA TYR A 200 -0.03 -7.39 26.86
C TYR A 200 -0.10 -8.75 26.11
N SER A 201 -1.02 -9.63 26.52
CA SER A 201 -1.24 -10.89 25.80
C SER A 201 -2.13 -10.73 24.55
N ASN A 202 -2.73 -9.54 24.37
CA ASN A 202 -3.46 -9.17 23.17
C ASN A 202 -2.49 -8.67 22.09
N GLU A 203 -2.37 -9.44 21.02
CA GLU A 203 -1.33 -9.18 20.02
C GLU A 203 -1.54 -7.85 19.29
N GLU A 204 -2.80 -7.53 19.00
CA GLU A 204 -3.17 -6.22 18.42
C GLU A 204 -2.85 -5.01 19.32
N HIS A 205 -2.99 -5.18 20.63
CA HIS A 205 -2.65 -4.13 21.59
C HIS A 205 -1.15 -3.85 21.52
N MET A 206 -0.38 -4.93 21.40
CA MET A 206 1.08 -4.86 21.29
C MET A 206 1.53 -4.25 19.97
N THR A 207 0.90 -4.66 18.87
CA THR A 207 1.22 -4.14 17.54
C THR A 207 1.16 -2.61 17.54
N LEU A 208 0.12 -2.07 18.17
CA LEU A 208 -0.03 -0.61 18.33
C LEU A 208 1.03 0.00 19.24
N LEU A 209 1.31 -0.65 20.36
CA LEU A 209 2.37 -0.19 21.25
C LEU A 209 3.72 -0.09 20.52
N LYS A 210 4.02 -1.06 19.65
CA LYS A 210 5.25 -1.01 18.84
C LYS A 210 5.21 0.11 17.80
N MET A 211 4.03 0.36 17.22
CA MET A 211 3.83 1.49 16.30
C MET A 211 4.02 2.82 17.02
N ILE A 212 3.48 2.92 18.23
CA ILE A 212 3.69 4.11 19.07
C ILE A 212 5.17 4.24 19.48
N LEU A 213 5.82 3.13 19.81
CA LEU A 213 7.20 3.18 20.25
C LEU A 213 8.15 3.73 19.18
N ILE A 214 8.01 3.25 17.96
CA ILE A 214 8.86 3.72 16.86
C ILE A 214 8.50 5.17 16.49
N LYS A 215 7.21 5.51 16.57
CA LYS A 215 6.77 6.90 16.40
C LYS A 215 7.44 7.84 17.39
N CYS A 216 7.46 7.43 18.66
CA CYS A 216 8.14 8.18 19.74
C CYS A 216 9.60 8.40 19.39
N CYS A 217 10.32 7.33 19.09
CA CYS A 217 11.73 7.47 18.70
C CYS A 217 11.93 8.33 17.44
N ASP A 218 11.05 8.17 16.44
CA ASP A 218 11.11 8.92 15.17
C ASP A 218 11.10 10.42 15.38
N ILE A 219 10.27 10.92 16.29
CA ILE A 219 10.14 12.36 16.52
C ILE A 219 10.70 12.81 17.87
N SER A 220 11.56 12.01 18.49
CA SER A 220 11.99 12.26 19.87
C SER A 220 13.05 13.33 20.05
N ASN A 221 13.53 13.99 18.99
CA ASN A 221 14.68 14.90 19.16
C ASN A 221 14.56 15.92 20.30
N GLU A 222 13.37 16.49 20.52
CA GLU A 222 13.17 17.43 21.66
C GLU A 222 13.25 16.80 23.09
N VAL A 223 13.13 15.48 23.18
CA VAL A 223 13.32 14.73 24.45
C VAL A 223 14.78 14.77 24.93
N ARG A 224 15.70 14.77 23.99
CA ARG A 224 17.13 14.84 24.30
C ARG A 224 17.46 16.18 24.95
N PRO A 225 18.62 16.26 25.64
CA PRO A 225 19.02 17.53 26.26
C PRO A 225 19.11 18.69 25.27
N MET A 226 18.85 19.90 25.78
CA MET A 226 18.68 21.11 24.98
C MET A 226 19.88 21.47 24.07
N GLU A 227 21.09 21.11 24.48
CA GLU A 227 22.26 21.27 23.60
C GLU A 227 22.21 20.33 22.40
N VAL A 228 21.72 19.10 22.61
CA VAL A 228 21.65 18.08 21.55
C VAL A 228 20.43 18.33 20.66
N ALA A 229 19.29 18.70 21.24
CA ALA A 229 18.04 18.87 20.49
C ALA A 229 18.03 20.04 19.53
N GLU A 230 18.63 21.16 19.94
CA GLU A 230 18.46 22.44 19.23
C GLU A 230 19.04 22.53 17.81
N PRO A 231 20.22 21.92 17.56
CA PRO A 231 20.74 21.98 16.18
C PRO A 231 19.96 21.13 15.17
N TRP A 232 19.17 20.17 15.65
CA TRP A 232 18.24 19.42 14.81
C TRP A 232 17.10 20.27 14.26
N VAL A 233 16.72 21.33 14.97
CA VAL A 233 15.67 22.22 14.48
C VAL A 233 16.14 22.97 13.24
N ASP A 234 17.41 23.37 13.24
CA ASP A 234 18.03 24.01 12.06
C ASP A 234 18.09 23.07 10.88
N CYS A 235 18.50 21.84 11.13
CA CYS A 235 18.53 20.78 10.12
C CYS A 235 17.12 20.55 9.50
N LEU A 236 16.10 20.51 10.36
CA LEU A 236 14.70 20.35 9.91
C LEU A 236 14.30 21.46 8.98
N LEU A 237 14.39 22.69 9.47
CA LEU A 237 13.95 23.86 8.70
C LEU A 237 14.74 24.02 7.41
N GLU A 238 16.03 23.68 7.44
CA GLU A 238 16.85 23.72 6.22
C GLU A 238 16.26 22.81 5.16
N GLU A 239 15.80 21.62 5.55
CA GLU A 239 15.18 20.65 4.64
C GLU A 239 13.81 21.11 4.15
N TYR A 240 12.97 21.52 5.09
CA TYR A 240 11.66 22.07 4.75
C TYR A 240 11.74 23.32 3.86
N PHE A 241 12.70 24.23 4.11
CA PHE A 241 12.87 25.41 3.24
C PHE A 241 13.30 25.00 1.82
N MET A 242 14.17 23.99 1.74
CA MET A 242 14.62 23.40 0.47
C MET A 242 13.45 22.89 -0.41
N GLN A 243 12.41 22.37 0.25
CA GLN A 243 11.19 21.89 -0.39
C GLN A 243 10.19 23.01 -0.69
N SER A 244 9.95 23.91 0.26
CA SER A 244 9.04 25.04 0.03
C SER A 244 9.56 25.98 -1.08
N ASP A 245 10.87 26.16 -1.16
CA ASP A 245 11.47 26.94 -2.26
C ASP A 245 11.25 26.29 -3.62
N ARG A 246 11.45 24.97 -3.71
CA ARG A 246 11.19 24.23 -4.95
C ARG A 246 9.71 24.30 -5.34
N GLU A 247 8.84 24.06 -4.37
CA GLU A 247 7.39 24.14 -4.53
C GLU A 247 6.97 25.51 -5.07
N LYS A 248 7.61 26.57 -4.58
CA LYS A 248 7.35 27.92 -5.09
C LYS A 248 7.79 28.07 -6.54
N SER A 249 9.02 27.67 -6.89
CA SER A 249 9.50 27.87 -8.28
C SER A 249 8.89 26.90 -9.31
N GLU A 250 8.42 25.73 -8.85
CA GLU A 250 7.67 24.77 -9.68
C GLU A 250 6.15 25.02 -9.74
N GLY A 251 5.65 26.01 -9.00
CA GLY A 251 4.23 26.36 -8.99
C GLY A 251 3.33 25.41 -8.24
N LEU A 252 3.89 24.68 -7.26
CA LEU A 252 3.12 23.68 -6.51
C LEU A 252 2.65 24.30 -5.21
N PRO A 253 1.72 23.63 -4.52
CA PRO A 253 1.33 24.11 -3.19
C PRO A 253 2.50 24.15 -2.19
N VAL A 254 2.43 25.13 -1.29
CA VAL A 254 3.39 25.33 -0.22
C VAL A 254 2.63 25.23 1.11
N ALA A 255 3.25 24.62 2.09
CA ALA A 255 2.65 24.42 3.40
C ALA A 255 3.13 25.53 4.36
N PRO A 256 2.20 26.31 4.96
CA PRO A 256 2.56 27.38 5.91
C PRO A 256 3.66 27.01 6.92
N PHE A 257 3.56 25.82 7.52
CA PHE A 257 4.57 25.37 8.50
C PHE A 257 5.96 25.13 7.88
N MET A 258 6.06 25.14 6.55
CA MET A 258 7.34 25.04 5.84
C MET A 258 7.81 26.33 5.16
N ASP A 259 7.01 27.39 5.24
CA ASP A 259 7.29 28.64 4.51
C ASP A 259 8.41 29.44 5.20
N ARG A 260 9.45 29.79 4.44
CA ARG A 260 10.57 30.57 4.98
C ARG A 260 10.26 32.06 5.22
N ASP A 261 9.13 32.53 4.72
CA ASP A 261 8.62 33.85 5.10
C ASP A 261 7.88 33.85 6.46
N LYS A 262 7.22 32.73 6.79
CA LYS A 262 6.23 32.69 7.89
C LYS A 262 6.70 32.03 9.16
N VAL A 263 7.65 31.10 9.08
CA VAL A 263 7.92 30.21 10.22
C VAL A 263 9.23 30.57 10.93
N THR A 264 9.16 30.67 12.26
CA THR A 264 10.33 30.84 13.11
C THR A 264 10.74 29.49 13.64
N LYS A 265 11.91 29.47 14.25
CA LYS A 265 12.42 28.30 14.97
C LYS A 265 11.49 27.93 16.14
N ALA A 266 10.98 28.96 16.82
CA ALA A 266 10.10 28.79 17.97
C ALA A 266 8.70 28.31 17.58
N THR A 267 8.13 28.90 16.52
CA THR A 267 6.80 28.48 16.05
C THR A 267 6.82 27.05 15.48
N ALA A 268 7.97 26.65 14.93
CA ALA A 268 8.16 25.28 14.45
C ALA A 268 8.14 24.21 15.56
N GLN A 269 8.48 24.59 16.80
CA GLN A 269 8.53 23.65 17.91
C GLN A 269 7.40 23.72 18.92
N ILE A 270 6.76 24.88 19.12
CA ILE A 270 5.80 24.98 20.25
C ILE A 270 4.61 24.07 20.07
N GLY A 271 3.85 24.31 19.00
CA GLY A 271 2.69 23.48 18.66
C GLY A 271 3.04 22.01 18.60
N PHE A 272 4.13 21.69 17.90
CA PHE A 272 4.60 20.31 17.78
C PHE A 272 4.84 19.63 19.10
N ILE A 273 5.53 20.33 20.02
CA ILE A 273 5.77 19.79 21.37
C ILE A 273 4.45 19.62 22.15
N LYS A 274 3.69 20.71 22.26
CA LYS A 274 2.51 20.73 23.13
C LYS A 274 1.39 19.77 22.71
N PHE A 275 1.27 19.54 21.40
CA PHE A 275 0.13 18.81 20.82
C PHE A 275 0.45 17.52 20.05
N VAL A 276 1.72 17.24 19.76
CA VAL A 276 2.12 15.94 19.21
C VAL A 276 2.97 15.21 20.25
N LEU A 277 4.17 15.73 20.53
CA LEU A 277 5.10 14.98 21.40
C LEU A 277 4.53 14.66 22.78
N ILE A 278 4.11 15.69 23.50
CA ILE A 278 3.66 15.57 24.89
C ILE A 278 2.47 14.62 25.09
N PRO A 279 1.36 14.79 24.32
CA PRO A 279 0.25 13.83 24.49
C PRO A 279 0.63 12.37 24.19
N MET A 280 1.50 12.14 23.19
CA MET A 280 1.98 10.80 22.85
C MET A 280 2.77 10.20 24.01
N PHE A 281 3.75 10.93 24.51
CA PHE A 281 4.53 10.47 25.68
C PHE A 281 3.70 10.41 26.96
N GLU A 282 2.67 11.26 27.06
CA GLU A 282 1.69 11.15 28.16
C GLU A 282 0.99 9.81 28.15
N THR A 283 0.54 9.37 26.97
CA THR A 283 -0.14 8.06 26.85
C THR A 283 0.84 6.90 27.12
N VAL A 284 2.08 7.01 26.69
CA VAL A 284 3.10 5.97 26.97
C VAL A 284 3.41 5.92 28.47
N THR A 285 3.48 7.09 29.11
CA THR A 285 3.75 7.21 30.55
C THR A 285 2.75 6.39 31.41
N LYS A 286 1.50 6.28 30.97
CA LYS A 286 0.51 5.48 31.70
C LYS A 286 0.95 4.02 31.81
N LEU A 287 1.45 3.48 30.70
CA LEU A 287 1.95 2.11 30.64
C LEU A 287 3.33 1.96 31.27
N PHE A 288 4.18 2.99 31.17
CA PHE A 288 5.52 3.00 31.73
C PHE A 288 5.76 4.29 32.54
N PRO A 289 5.35 4.32 33.84
CA PRO A 289 5.38 5.59 34.60
C PRO A 289 6.75 6.27 34.69
N MET A 290 7.83 5.49 34.63
CA MET A 290 9.21 6.04 34.63
C MET A 290 9.56 6.99 33.47
N VAL A 291 8.75 6.97 32.41
CA VAL A 291 8.97 7.83 31.25
C VAL A 291 8.78 9.31 31.59
N GLU A 292 7.90 9.62 32.54
CA GLU A 292 7.62 11.01 32.96
C GLU A 292 8.86 11.82 33.32
N GLU A 293 9.65 11.29 34.24
CA GLU A 293 10.84 11.96 34.76
C GLU A 293 11.97 12.08 33.71
N ILE A 294 12.09 11.08 32.84
CA ILE A 294 13.22 10.97 31.91
C ILE A 294 12.95 11.60 30.52
N MET A 295 11.70 11.64 30.10
CA MET A 295 11.36 12.11 28.75
C MET A 295 10.32 13.23 28.69
N LEU A 296 9.29 13.15 29.51
CA LEU A 296 8.26 14.20 29.55
C LEU A 296 8.80 15.49 30.18
N GLN A 297 9.73 15.36 31.13
CA GLN A 297 10.38 16.50 31.80
C GLN A 297 11.20 17.39 30.86
N PRO A 298 12.13 16.82 30.07
CA PRO A 298 12.80 17.67 29.08
C PRO A 298 11.87 18.30 28.02
N LEU A 299 10.81 17.58 27.63
CA LEU A 299 9.78 18.12 26.73
C LEU A 299 9.07 19.33 27.35
N TRP A 300 8.72 19.23 28.64
CA TRP A 300 8.11 20.35 29.35
C TRP A 300 9.04 21.56 29.33
N GLU A 301 10.31 21.36 29.68
CA GLU A 301 11.28 22.47 29.72
C GLU A 301 11.46 23.09 28.33
N SER A 302 11.60 22.25 27.31
CA SER A 302 11.70 22.71 25.92
C SER A 302 10.47 23.50 25.47
N ARG A 303 9.28 23.05 25.83
CA ARG A 303 8.07 23.83 25.60
C ARG A 303 8.16 25.23 26.22
N ASP A 304 8.47 25.27 27.52
CA ASP A 304 8.62 26.54 28.26
C ASP A 304 9.68 27.45 27.64
N ARG A 305 10.83 26.85 27.34
CA ARG A 305 11.97 27.56 26.74
C ARG A 305 11.61 28.14 25.37
N TYR A 306 10.82 27.40 24.58
CA TYR A 306 10.42 27.86 23.26
C TYR A 306 9.24 28.84 23.32
N GLU A 307 8.34 28.64 24.27
CA GLU A 307 7.28 29.63 24.51
C GLU A 307 7.85 30.99 24.94
N GLU A 308 8.90 30.99 25.79
CA GLU A 308 9.58 32.24 26.18
C GLU A 308 10.28 32.89 24.98
N LEU A 309 10.97 32.08 24.19
CA LEU A 309 11.63 32.58 22.97
C LEU A 309 10.67 33.13 21.89
N LYS A 310 9.41 32.72 21.90
CA LYS A 310 8.41 33.34 21.03
C LYS A 310 8.03 34.73 21.54
N ARG A 311 7.88 34.88 22.86
CA ARG A 311 7.62 36.20 23.47
C ARG A 311 8.73 37.22 23.18
N ILE A 312 9.97 36.75 23.11
CA ILE A 312 11.11 37.58 22.69
C ILE A 312 10.93 37.95 21.21
N ASP A 313 10.81 36.94 20.34
CA ASP A 313 10.53 37.13 18.90
C ASP A 313 9.43 38.18 18.65
N ASP A 314 8.30 38.03 19.35
CA ASP A 314 7.10 38.87 19.18
C ASP A 314 7.26 40.34 19.64
N ALA A 315 8.06 40.56 20.68
CA ALA A 315 8.39 41.90 21.14
C ALA A 315 9.41 42.59 20.24
N MET A 316 10.35 41.83 19.67
CA MET A 316 11.24 42.38 18.61
C MET A 316 10.47 42.79 17.36
N LYS A 317 9.41 42.04 17.02
CA LYS A 317 8.53 42.43 15.90
C LYS A 317 7.77 43.71 16.18
N GLU A 318 7.31 43.89 17.41
CA GLU A 318 6.61 45.13 17.77
C GLU A 318 7.48 46.40 17.73
N LEU A 319 8.80 46.27 17.94
CA LEU A 319 9.73 47.38 17.69
C LEU A 319 9.92 47.67 16.19
N GLN A 320 9.99 46.62 15.37
CA GLN A 320 10.06 46.76 13.91
C GLN A 320 8.93 47.60 13.32
N LYS A 321 7.72 47.47 13.86
CA LYS A 321 6.52 48.10 13.27
C LYS A 321 6.53 49.63 13.40
N LYS A 322 6.42 50.28 12.24
CA LYS A 322 6.80 51.68 12.06
C LYS A 322 5.63 52.59 12.43
N LYS B 1 -11.34 -7.15 -40.01
CA LYS B 1 -12.09 -5.89 -40.34
C LYS B 1 -12.57 -5.17 -39.08
N TYR B 2 -11.76 -4.23 -38.60
CA TYR B 2 -12.27 -3.12 -37.77
C TYR B 2 -13.35 -2.35 -38.55
N LEU B 3 -14.07 -1.46 -37.86
CA LEU B 3 -15.40 -0.98 -38.25
C LEU B 3 -16.42 -2.06 -37.91
N LEU B 4 -17.30 -1.74 -36.96
CA LEU B 4 -18.23 -2.68 -36.39
C LEU B 4 -19.58 -2.54 -37.12
N SER B 5 -20.31 -3.64 -37.28
CA SER B 5 -21.67 -3.56 -37.84
C SER B 5 -22.62 -2.97 -36.80
N PRO B 6 -23.76 -2.38 -37.24
CA PRO B 6 -24.77 -1.96 -36.25
C PRO B 6 -25.30 -3.13 -35.39
N GLU B 7 -25.25 -4.34 -35.94
CA GLU B 7 -25.61 -5.57 -35.22
C GLU B 7 -24.66 -5.79 -34.04
N THR B 8 -23.36 -5.65 -34.29
CA THR B 8 -22.33 -5.81 -33.25
C THR B 8 -22.52 -4.82 -32.08
N ILE B 9 -22.69 -3.54 -32.41
CA ILE B 9 -22.87 -2.47 -31.40
C ILE B 9 -24.09 -2.73 -30.50
N GLU B 10 -25.12 -3.32 -31.10
CA GLU B 10 -26.31 -3.78 -30.37
C GLU B 10 -25.97 -4.89 -29.39
N ALA B 11 -25.30 -5.92 -29.91
CA ALA B 11 -24.88 -7.08 -29.11
C ALA B 11 -23.95 -6.69 -27.96
N LEU B 12 -23.05 -5.75 -28.25
CA LEU B 12 -22.06 -5.23 -27.30
C LEU B 12 -22.64 -4.71 -25.99
N ARG B 13 -23.90 -4.28 -26.01
CA ARG B 13 -24.59 -3.73 -24.83
C ARG B 13 -25.16 -4.78 -23.85
N LYS B 14 -25.14 -6.06 -24.23
CA LYS B 14 -25.67 -7.14 -23.40
C LYS B 14 -24.56 -8.12 -23.00
N PRO B 15 -24.70 -8.78 -21.83
CA PRO B 15 -23.69 -9.72 -21.36
C PRO B 15 -23.66 -11.06 -22.10
N THR B 16 -24.52 -11.24 -23.10
CA THR B 16 -24.44 -12.36 -24.04
C THR B 16 -23.40 -12.17 -25.16
N PHE B 17 -22.71 -11.03 -25.19
CA PHE B 17 -21.81 -10.69 -26.31
C PHE B 17 -20.67 -11.70 -26.46
N ASP B 18 -20.53 -12.30 -27.64
CA ASP B 18 -19.47 -13.30 -27.86
C ASP B 18 -18.09 -12.63 -27.92
N VAL B 19 -17.44 -12.60 -26.76
CA VAL B 19 -16.10 -12.01 -26.60
C VAL B 19 -15.00 -12.71 -27.42
N TRP B 20 -15.17 -14.01 -27.70
CA TRP B 20 -14.19 -14.78 -28.49
C TRP B 20 -14.17 -14.50 -30.00
N LEU B 21 -15.30 -14.03 -30.56
CA LEU B 21 -15.43 -13.75 -32.01
C LEU B 21 -14.38 -12.82 -32.62
N TRP B 22 -13.85 -11.90 -31.83
CA TRP B 22 -13.15 -10.71 -32.35
C TRP B 22 -11.65 -10.76 -32.07
N GLU B 23 -10.89 -10.16 -32.97
CA GLU B 23 -9.44 -10.00 -32.82
C GLU B 23 -9.19 -8.68 -32.11
N PRO B 24 -7.93 -8.41 -31.67
CA PRO B 24 -7.65 -7.19 -30.89
C PRO B 24 -8.21 -5.86 -31.44
N ASN B 25 -8.00 -5.57 -32.72
CA ASN B 25 -8.44 -4.27 -33.32
C ASN B 25 -9.92 -4.05 -33.22
N GLU B 26 -10.69 -5.11 -33.40
CA GLU B 26 -12.13 -5.07 -33.26
C GLU B 26 -12.54 -4.78 -31.80
N MET B 27 -11.85 -5.43 -30.86
CA MET B 27 -12.04 -5.16 -29.41
C MET B 27 -11.65 -3.72 -29.04
N LEU B 28 -10.53 -3.23 -29.56
CA LEU B 28 -10.14 -1.83 -29.36
C LEU B 28 -11.20 -0.88 -29.86
N SER B 29 -11.72 -1.16 -31.05
CA SER B 29 -12.82 -0.39 -31.61
C SER B 29 -14.10 -0.50 -30.76
N CYS B 30 -14.41 -1.71 -30.28
CA CYS B 30 -15.53 -1.91 -29.34
C CYS B 30 -15.40 -1.04 -28.10
N LEU B 31 -14.20 -1.01 -27.50
CA LEU B 31 -13.91 -0.15 -26.34
C LEU B 31 -14.00 1.33 -26.70
N GLU B 32 -13.45 1.69 -27.85
CA GLU B 32 -13.57 3.06 -28.36
C GLU B 32 -15.05 3.47 -28.53
N HIS B 33 -15.89 2.56 -29.00
CA HIS B 33 -17.33 2.86 -29.11
C HIS B 33 -17.92 3.18 -27.75
N MET B 34 -17.55 2.39 -26.74
CA MET B 34 -18.09 2.53 -25.39
C MET B 34 -17.85 3.91 -24.80
N TYR B 35 -16.65 4.46 -25.01
CA TYR B 35 -16.32 5.76 -24.45
C TYR B 35 -17.15 6.86 -25.10
N HIS B 36 -17.27 6.80 -26.42
CA HIS B 36 -18.18 7.69 -27.17
C HIS B 36 -19.65 7.53 -26.76
N ASP B 37 -20.12 6.29 -26.73
CA ASP B 37 -21.54 5.96 -26.48
C ASP B 37 -22.07 6.32 -25.08
N LEU B 38 -21.18 6.32 -24.08
CA LEU B 38 -21.53 6.70 -22.70
C LEU B 38 -21.41 8.21 -22.45
N GLY B 39 -20.97 8.97 -23.46
CA GLY B 39 -20.82 10.43 -23.34
C GLY B 39 -19.55 10.88 -22.63
N LEU B 40 -18.64 9.94 -22.37
CA LEU B 40 -17.40 10.23 -21.67
C LEU B 40 -16.48 11.11 -22.53
N VAL B 41 -16.45 10.86 -23.83
CA VAL B 41 -15.68 11.68 -24.77
C VAL B 41 -16.23 13.10 -24.77
N ARG B 42 -17.54 13.21 -24.84
CA ARG B 42 -18.24 14.49 -24.86
C ARG B 42 -18.02 15.27 -23.56
N ASP B 43 -18.33 14.62 -22.44
CA ASP B 43 -18.32 15.29 -21.13
C ASP B 43 -16.91 15.54 -20.52
N PHE B 44 -15.87 14.89 -21.03
CA PHE B 44 -14.49 15.08 -20.53
C PHE B 44 -13.53 15.52 -21.64
N SER B 45 -14.08 16.10 -22.70
CA SER B 45 -13.33 16.60 -23.86
C SER B 45 -12.15 15.72 -24.25
N ILE B 46 -12.33 14.40 -24.15
CA ILE B 46 -11.27 13.46 -24.54
C ILE B 46 -11.05 13.66 -26.03
N ASN B 47 -9.81 13.87 -26.44
CA ASN B 47 -9.47 13.93 -27.85
C ASN B 47 -9.78 12.55 -28.43
N PRO B 48 -10.60 12.50 -29.48
CA PRO B 48 -10.94 11.22 -30.14
C PRO B 48 -9.76 10.35 -30.58
N VAL B 49 -8.64 10.99 -30.93
CA VAL B 49 -7.46 10.30 -31.43
C VAL B 49 -6.64 9.80 -30.26
N THR B 50 -6.42 10.67 -29.28
CA THR B 50 -5.75 10.30 -28.03
C THR B 50 -6.42 9.05 -27.42
N LEU B 51 -7.76 9.00 -27.47
CA LEU B 51 -8.52 7.83 -27.02
C LEU B 51 -8.04 6.54 -27.68
N ARG B 52 -7.81 6.59 -29.00
CA ARG B 52 -7.33 5.42 -29.75
C ARG B 52 -5.88 5.05 -29.42
N ARG B 53 -5.00 6.05 -29.38
CA ARG B 53 -3.63 5.79 -28.95
C ARG B 53 -3.57 5.23 -27.53
N TRP B 54 -4.38 5.78 -26.61
CA TRP B 54 -4.47 5.25 -25.23
C TRP B 54 -4.85 3.76 -25.19
N LEU B 55 -5.88 3.37 -25.94
CA LEU B 55 -6.32 1.98 -25.98
C LEU B 55 -5.24 1.07 -26.58
N PHE B 56 -4.44 1.61 -27.51
CA PHE B 56 -3.29 0.91 -28.10
C PHE B 56 -2.14 0.77 -27.08
N CYS B 57 -1.86 1.85 -26.34
CA CYS B 57 -0.94 1.82 -25.17
C CYS B 57 -1.33 0.71 -24.22
N VAL B 58 -2.59 0.73 -23.78
CA VAL B 58 -3.10 -0.21 -22.80
C VAL B 58 -2.90 -1.62 -23.32
N HIS B 59 -3.38 -1.86 -24.53
CA HIS B 59 -3.27 -3.16 -25.19
C HIS B 59 -1.81 -3.68 -25.23
N ASP B 60 -0.89 -2.81 -25.61
CA ASP B 60 0.53 -3.18 -25.66
C ASP B 60 1.04 -3.69 -24.30
N ASN B 61 0.59 -3.04 -23.21
CA ASN B 61 0.99 -3.37 -21.82
C ASN B 61 0.20 -4.50 -21.14
N TYR B 62 -0.75 -5.13 -21.84
CA TYR B 62 -1.26 -6.43 -21.41
C TYR B 62 -0.39 -7.51 -22.03
N ARG B 63 -0.31 -8.65 -21.36
CA ARG B 63 0.60 -9.73 -21.74
C ARG B 63 -0.11 -10.94 -22.31
N ASN B 64 0.66 -11.81 -22.99
CA ASN B 64 0.12 -13.03 -23.62
C ASN B 64 0.00 -14.19 -22.64
N ASN B 65 -0.56 -13.94 -21.45
CA ASN B 65 -0.83 -15.00 -20.49
C ASN B 65 -2.07 -15.72 -20.99
N PRO B 66 -2.28 -16.96 -20.50
CA PRO B 66 -3.49 -17.66 -20.94
C PRO B 66 -4.79 -17.00 -20.49
N PHE B 67 -4.81 -16.44 -19.28
CA PHE B 67 -6.04 -15.86 -18.69
C PHE B 67 -5.92 -14.34 -18.56
N HIS B 68 -4.92 -13.88 -17.82
CA HIS B 68 -4.76 -12.44 -17.56
C HIS B 68 -4.14 -11.73 -18.76
N ASN B 69 -4.93 -11.67 -19.82
CA ASN B 69 -4.55 -11.09 -21.10
C ASN B 69 -5.52 -9.99 -21.48
N PHE B 70 -5.27 -9.34 -22.62
CA PHE B 70 -6.11 -8.23 -23.08
C PHE B 70 -7.56 -8.61 -23.25
N ARG B 71 -7.83 -9.85 -23.66
CA ARG B 71 -9.20 -10.32 -23.83
C ARG B 71 -9.96 -10.38 -22.51
N HIS B 72 -9.27 -10.71 -21.41
CA HIS B 72 -9.86 -10.62 -20.07
C HIS B 72 -10.29 -9.19 -19.76
N CYS B 73 -9.40 -8.25 -20.08
CA CYS B 73 -9.65 -6.83 -19.83
C CYS B 73 -10.83 -6.31 -20.61
N PHE B 74 -10.98 -6.81 -21.84
CA PHE B 74 -12.13 -6.48 -22.67
C PHE B 74 -13.42 -7.10 -22.13
N CYS B 75 -13.35 -8.33 -21.63
CA CYS B 75 -14.49 -8.96 -20.95
C CYS B 75 -15.01 -8.14 -19.79
N VAL B 76 -14.08 -7.66 -18.96
CA VAL B 76 -14.41 -6.95 -17.73
C VAL B 76 -14.96 -5.56 -18.05
N ALA B 77 -14.34 -4.87 -19.00
CA ALA B 77 -14.84 -3.56 -19.47
C ALA B 77 -16.17 -3.66 -20.22
N GLN B 78 -16.31 -4.65 -21.11
CA GLN B 78 -17.58 -4.91 -21.79
C GLN B 78 -18.70 -5.32 -20.83
N MET B 79 -18.36 -6.05 -19.77
CA MET B 79 -19.35 -6.45 -18.79
C MET B 79 -19.76 -5.26 -17.93
N MET B 80 -18.82 -4.36 -17.66
CA MET B 80 -19.13 -3.11 -16.98
C MET B 80 -20.08 -2.27 -17.84
N TYR B 81 -19.80 -2.22 -19.13
CA TYR B 81 -20.67 -1.57 -20.12
C TYR B 81 -22.10 -2.13 -20.08
N SER B 82 -22.22 -3.46 -20.03
CA SER B 82 -23.52 -4.12 -19.94
C SER B 82 -24.25 -3.75 -18.67
N MET B 83 -23.50 -3.61 -17.58
CA MET B 83 -24.05 -3.32 -16.27
C MET B 83 -24.53 -1.88 -16.13
N VAL B 84 -23.89 -0.96 -16.86
CA VAL B 84 -24.39 0.41 -16.97
C VAL B 84 -25.82 0.42 -17.53
N TRP B 85 -26.05 -0.39 -18.56
CA TRP B 85 -27.35 -0.45 -19.24
C TRP B 85 -28.36 -1.25 -18.47
N LEU B 86 -28.00 -2.49 -18.11
CA LEU B 86 -28.90 -3.38 -17.35
C LEU B 86 -29.45 -2.71 -16.07
N CYS B 87 -28.57 -2.12 -15.28
CA CYS B 87 -28.94 -1.51 -14.02
C CYS B 87 -29.32 -0.03 -14.12
N SER B 88 -29.08 0.58 -15.28
CA SER B 88 -29.34 2.01 -15.52
C SER B 88 -28.52 2.84 -14.53
N LEU B 89 -27.21 2.73 -14.66
CA LEU B 89 -26.29 3.34 -13.71
C LEU B 89 -26.11 4.83 -13.96
N GLN B 90 -26.42 5.30 -15.17
CA GLN B 90 -26.38 6.74 -15.42
C GLN B 90 -27.47 7.54 -14.70
N GLU B 91 -28.43 6.85 -14.08
CA GLU B 91 -29.38 7.47 -13.16
C GLU B 91 -28.82 7.65 -11.76
N LYS B 92 -27.94 6.75 -11.32
CA LYS B 92 -27.42 6.75 -9.94
C LYS B 92 -25.97 7.29 -9.78
N PHE B 93 -25.19 7.30 -10.86
CA PHE B 93 -23.77 7.71 -10.83
C PHE B 93 -23.48 8.92 -11.72
N SER B 94 -22.52 9.72 -11.29
CA SER B 94 -22.05 10.82 -12.13
C SER B 94 -21.29 10.25 -13.30
N GLN B 95 -20.99 11.12 -14.25
CA GLN B 95 -20.15 10.77 -15.39
C GLN B 95 -18.68 10.56 -14.99
N THR B 96 -18.24 11.20 -13.91
CA THR B 96 -16.93 10.93 -13.32
C THR B 96 -16.90 9.50 -12.80
N ASP B 97 -17.89 9.09 -12.03
CA ASP B 97 -17.99 7.71 -11.55
C ASP B 97 -18.03 6.67 -12.68
N ILE B 98 -18.68 7.00 -13.79
CA ILE B 98 -18.72 6.08 -14.93
C ILE B 98 -17.32 6.01 -15.53
N LEU B 99 -16.66 7.16 -15.67
CA LEU B 99 -15.30 7.19 -16.20
C LEU B 99 -14.35 6.36 -15.33
N ILE B 100 -14.49 6.46 -14.02
CA ILE B 100 -13.72 5.64 -13.10
C ILE B 100 -14.03 4.15 -13.28
N LEU B 101 -15.32 3.82 -13.34
CA LEU B 101 -15.71 2.43 -13.49
C LEU B 101 -15.16 1.82 -14.78
N MET B 102 -15.19 2.59 -15.87
CA MET B 102 -14.75 2.07 -17.18
C MET B 102 -13.23 2.03 -17.30
N THR B 103 -12.56 3.11 -16.92
CA THR B 103 -11.11 3.17 -17.03
C THR B 103 -10.42 2.23 -16.05
N ALA B 104 -11.01 2.04 -14.86
CA ALA B 104 -10.49 1.07 -13.90
C ALA B 104 -10.63 -0.36 -14.41
N ALA B 105 -11.76 -0.64 -15.07
CA ALA B 105 -12.02 -1.98 -15.62
C ALA B 105 -11.00 -2.37 -16.68
N ILE B 106 -10.75 -1.41 -17.58
CA ILE B 106 -9.78 -1.58 -18.67
C ILE B 106 -8.37 -1.75 -18.12
N CYS B 107 -8.01 -0.94 -17.12
CA CYS B 107 -6.65 -0.94 -16.58
C CYS B 107 -6.32 -1.94 -15.45
N HIS B 108 -7.31 -2.67 -14.92
CA HIS B 108 -7.17 -3.34 -13.61
C HIS B 108 -6.24 -4.54 -13.53
N ASP B 109 -5.79 -5.09 -14.66
CA ASP B 109 -4.79 -6.18 -14.68
C ASP B 109 -3.65 -5.88 -15.67
N LEU B 110 -3.33 -4.59 -15.87
CA LEU B 110 -2.19 -4.19 -16.70
C LEU B 110 -0.89 -4.88 -16.32
N ASP B 111 -0.23 -5.50 -17.32
CA ASP B 111 1.07 -6.15 -17.15
C ASP B 111 1.02 -7.22 -16.05
N HIS B 112 -0.07 -8.00 -16.00
CA HIS B 112 -0.15 -9.14 -15.09
C HIS B 112 0.90 -10.14 -15.61
N PRO B 113 1.72 -10.73 -14.72
CA PRO B 113 2.78 -11.64 -15.14
C PRO B 113 2.34 -13.10 -15.36
N GLY B 114 1.20 -13.47 -14.79
CA GLY B 114 0.65 -14.82 -14.93
C GLY B 114 0.79 -15.63 -13.67
N TYR B 115 1.39 -15.03 -12.63
CA TYR B 115 1.52 -15.62 -11.32
C TYR B 115 0.90 -14.64 -10.31
N ASN B 116 0.05 -15.16 -9.43
CA ASN B 116 -0.77 -14.32 -8.55
C ASN B 116 0.00 -13.80 -7.33
N ASN B 117 -0.71 -13.13 -6.42
CA ASN B 117 -0.11 -12.54 -5.21
C ASN B 117 0.68 -13.54 -4.38
N THR B 118 0.06 -14.69 -4.13
CA THR B 118 0.63 -15.69 -3.25
C THR B 118 1.95 -16.26 -3.81
N TYR B 119 2.08 -16.34 -5.14
CA TYR B 119 3.39 -16.63 -5.73
C TYR B 119 4.38 -15.48 -5.45
N GLN B 120 3.97 -14.25 -5.77
CA GLN B 120 4.84 -13.07 -5.63
C GLN B 120 5.46 -12.99 -4.21
N ILE B 121 4.61 -13.19 -3.19
CA ILE B 121 5.01 -13.09 -1.80
C ILE B 121 5.95 -14.22 -1.42
N ASN B 122 5.54 -15.46 -1.68
CA ASN B 122 6.32 -16.65 -1.30
C ASN B 122 7.67 -16.77 -2.01
N ALA B 123 7.73 -16.35 -3.27
CA ALA B 123 9.01 -16.30 -4.02
C ALA B 123 9.85 -15.03 -3.76
N ARG B 124 9.27 -14.05 -3.07
CA ARG B 124 9.91 -12.78 -2.70
C ARG B 124 10.44 -12.00 -3.90
N THR B 125 9.53 -11.71 -4.81
CA THR B 125 9.85 -11.17 -6.13
C THR B 125 10.18 -9.68 -6.11
N GLU B 126 10.58 -9.17 -7.27
CA GLU B 126 10.69 -7.73 -7.53
C GLU B 126 9.47 -6.98 -7.02
N LEU B 127 8.28 -7.48 -7.35
CA LEU B 127 7.00 -6.81 -7.03
C LEU B 127 6.55 -6.96 -5.58
N ALA B 128 6.78 -8.12 -4.98
CA ALA B 128 6.45 -8.31 -3.56
C ALA B 128 7.36 -7.48 -2.65
N VAL B 129 8.63 -7.40 -3.02
CA VAL B 129 9.59 -6.60 -2.27
C VAL B 129 9.29 -5.10 -2.43
N ARG B 130 8.87 -4.71 -3.63
CA ARG B 130 8.53 -3.31 -3.92
C ARG B 130 7.28 -2.82 -3.19
N TYR B 131 6.25 -3.65 -3.13
CA TYR B 131 4.98 -3.28 -2.50
C TYR B 131 4.74 -3.95 -1.14
N ASN B 132 5.82 -4.37 -0.49
CA ASN B 132 5.80 -4.79 0.93
C ASN B 132 4.76 -5.87 1.30
N ASP B 133 4.57 -6.80 0.35
CA ASP B 133 3.54 -7.85 0.43
C ASP B 133 2.06 -7.34 0.50
N ILE B 134 1.82 -6.08 0.11
CA ILE B 134 0.48 -5.48 0.16
C ILE B 134 -0.09 -5.38 -1.25
N SER B 135 -1.08 -6.21 -1.57
CA SER B 135 -1.68 -6.30 -2.93
C SER B 135 -0.70 -5.96 -4.09
N PRO B 136 0.46 -6.65 -4.18
CA PRO B 136 1.54 -6.16 -5.06
C PRO B 136 1.16 -6.01 -6.53
N LEU B 137 0.47 -7.01 -7.10
CA LEU B 137 0.04 -6.94 -8.50
C LEU B 137 -0.94 -5.81 -8.71
N GLU B 138 -1.91 -5.70 -7.81
CA GLU B 138 -2.92 -4.66 -7.94
C GLU B 138 -2.33 -3.24 -7.90
N ASN B 139 -1.34 -3.00 -7.05
CA ASN B 139 -0.58 -1.72 -7.05
C ASN B 139 0.19 -1.50 -8.35
N HIS B 140 0.80 -2.58 -8.82
CA HIS B 140 1.54 -2.57 -10.05
C HIS B 140 0.64 -2.18 -11.22
N HIS B 141 -0.59 -2.71 -11.22
CA HIS B 141 -1.57 -2.42 -12.29
C HIS B 141 -1.91 -0.93 -12.36
N CYS B 142 -2.12 -0.29 -11.20
CA CYS B 142 -2.38 1.15 -11.13
C CYS B 142 -1.17 1.93 -11.54
N ALA B 143 -0.02 1.56 -10.97
CA ALA B 143 1.23 2.24 -11.31
C ALA B 143 1.36 2.28 -12.85
N VAL B 144 1.22 1.13 -13.49
CA VAL B 144 1.31 1.04 -14.94
C VAL B 144 0.18 1.83 -15.62
N ALA B 145 -1.04 1.71 -15.10
CA ALA B 145 -2.14 2.51 -15.60
C ALA B 145 -1.80 3.99 -15.70
N PHE B 146 -1.27 4.58 -14.63
CA PHE B 146 -0.96 6.02 -14.64
C PHE B 146 0.36 6.39 -15.29
N GLN B 147 1.28 5.42 -15.40
CA GLN B 147 2.50 5.63 -16.20
C GLN B 147 2.15 5.77 -17.68
N ILE B 148 1.15 5.02 -18.12
CA ILE B 148 0.60 5.15 -19.45
C ILE B 148 -0.05 6.52 -19.57
N LEU B 149 -0.91 6.88 -18.62
CA LEU B 149 -1.60 8.18 -18.65
C LEU B 149 -0.70 9.42 -18.48
N ALA B 150 0.49 9.25 -17.90
CA ALA B 150 1.49 10.32 -17.81
C ALA B 150 2.13 10.69 -19.15
N GLU B 151 2.10 9.78 -20.12
CA GLU B 151 2.53 10.09 -21.49
C GLU B 151 1.49 10.98 -22.12
N PRO B 152 1.87 12.19 -22.61
CA PRO B 152 0.87 13.11 -23.18
C PRO B 152 0.06 12.53 -24.34
N GLU B 153 0.68 11.67 -25.15
CA GLU B 153 0.00 11.08 -26.31
C GLU B 153 -1.00 10.00 -25.93
N CYS B 154 -0.81 9.35 -24.77
CA CYS B 154 -1.74 8.34 -24.27
C CYS B 154 -2.70 8.89 -23.19
N ASN B 155 -2.70 10.20 -22.95
CA ASN B 155 -3.44 10.80 -21.81
C ASN B 155 -4.87 11.26 -22.14
N ILE B 156 -5.82 10.36 -22.02
CA ILE B 156 -7.23 10.70 -22.23
C ILE B 156 -7.82 11.75 -21.29
N PHE B 157 -7.13 12.02 -20.18
CA PHE B 157 -7.58 13.05 -19.27
C PHE B 157 -6.96 14.43 -19.55
N SER B 158 -6.25 14.62 -20.67
CA SER B 158 -5.46 15.84 -20.83
C SER B 158 -6.25 17.17 -20.72
N ASN B 159 -7.55 17.13 -20.95
CA ASN B 159 -8.38 18.32 -20.87
C ASN B 159 -9.35 18.30 -19.70
N ILE B 160 -9.05 17.49 -18.69
CA ILE B 160 -9.78 17.51 -17.41
C ILE B 160 -8.97 18.40 -16.44
N PRO B 161 -9.64 19.33 -15.72
CA PRO B 161 -8.88 20.16 -14.75
C PRO B 161 -8.28 19.34 -13.60
N PRO B 162 -7.21 19.86 -12.95
CA PRO B 162 -6.46 19.12 -11.90
C PRO B 162 -7.29 18.48 -10.78
N ASP B 163 -8.33 19.15 -10.31
CA ASP B 163 -9.21 18.62 -9.26
C ASP B 163 -9.95 17.36 -9.68
N GLY B 164 -10.39 17.33 -10.95
CA GLY B 164 -11.06 16.16 -11.53
C GLY B 164 -10.11 15.00 -11.80
N PHE B 165 -8.90 15.31 -12.27
CA PHE B 165 -7.86 14.29 -12.39
C PHE B 165 -7.60 13.65 -11.03
N LYS B 166 -7.42 14.49 -10.01
CA LYS B 166 -7.21 14.03 -8.63
C LYS B 166 -8.32 13.09 -8.11
N GLN B 167 -9.57 13.37 -8.47
CA GLN B 167 -10.71 12.58 -7.99
C GLN B 167 -10.83 11.25 -8.73
N ILE B 168 -10.59 11.29 -10.05
CA ILE B 168 -10.60 10.10 -10.90
C ILE B 168 -9.51 9.15 -10.43
N ARG B 169 -8.30 9.68 -10.31
CA ARG B 169 -7.13 8.91 -9.88
C ARG B 169 -7.39 8.19 -8.55
N GLN B 170 -7.88 8.91 -7.56
CA GLN B 170 -8.23 8.31 -6.28
C GLN B 170 -9.23 7.17 -6.51
N GLY B 171 -10.27 7.46 -7.29
CA GLY B 171 -11.32 6.51 -7.59
C GLY B 171 -10.81 5.26 -8.26
N MET B 172 -9.97 5.45 -9.29
CA MET B 172 -9.41 4.34 -10.06
C MET B 172 -8.55 3.45 -9.19
N ILE B 173 -7.78 4.08 -8.30
CA ILE B 173 -6.91 3.35 -7.39
C ILE B 173 -7.75 2.52 -6.44
N THR B 174 -8.78 3.12 -5.83
CA THR B 174 -9.63 2.38 -4.89
C THR B 174 -10.15 1.10 -5.55
N LEU B 175 -10.58 1.23 -6.81
CA LEU B 175 -11.26 0.14 -7.50
C LEU B 175 -10.29 -0.93 -7.97
N ILE B 176 -9.19 -0.52 -8.60
CA ILE B 176 -8.19 -1.48 -9.07
C ILE B 176 -7.66 -2.30 -7.88
N LEU B 177 -7.36 -1.64 -6.76
CA LEU B 177 -6.92 -2.33 -5.52
C LEU B 177 -8.01 -3.26 -4.95
N ALA B 178 -9.28 -2.91 -5.13
CA ALA B 178 -10.38 -3.75 -4.64
C ALA B 178 -10.51 -5.10 -5.36
N THR B 179 -9.84 -5.27 -6.51
CA THR B 179 -9.95 -6.53 -7.27
C THR B 179 -9.23 -7.72 -6.65
N ASP B 180 -8.27 -7.44 -5.74
CA ASP B 180 -7.51 -8.44 -4.98
C ASP B 180 -8.44 -9.32 -4.16
N MET B 181 -8.54 -10.60 -4.54
CA MET B 181 -9.50 -11.54 -3.91
C MET B 181 -9.21 -11.83 -2.43
N ALA B 182 -7.98 -11.58 -2.01
CA ALA B 182 -7.62 -11.53 -0.60
C ALA B 182 -8.65 -10.76 0.22
N ARG B 183 -9.17 -9.67 -0.35
CA ARG B 183 -10.13 -8.79 0.34
C ARG B 183 -11.63 -9.06 0.05
N HIS B 184 -11.98 -10.12 -0.68
CA HIS B 184 -13.38 -10.35 -1.04
C HIS B 184 -14.32 -10.40 0.18
N ALA B 185 -13.89 -11.08 1.25
CA ALA B 185 -14.72 -11.23 2.44
C ALA B 185 -14.88 -9.88 3.15
N GLU B 186 -13.76 -9.20 3.38
CA GLU B 186 -13.73 -7.85 3.97
C GLU B 186 -14.62 -6.85 3.20
N ILE B 187 -14.48 -6.82 1.87
CA ILE B 187 -15.26 -5.91 1.01
C ILE B 187 -16.74 -6.26 1.03
N MET B 188 -17.06 -7.55 0.98
CA MET B 188 -18.46 -8.01 1.04
C MET B 188 -19.11 -7.76 2.39
N ASP B 189 -18.36 -7.93 3.48
CA ASP B 189 -18.88 -7.67 4.83
C ASP B 189 -19.09 -6.17 5.06
N SER B 190 -18.19 -5.34 4.50
CA SER B 190 -18.39 -3.89 4.47
C SER B 190 -19.66 -3.53 3.73
N PHE B 191 -19.80 -4.07 2.52
CA PHE B 191 -20.94 -3.76 1.65
C PHE B 191 -22.26 -4.17 2.29
N LYS B 192 -22.35 -5.41 2.77
CA LYS B 192 -23.61 -5.95 3.35
C LYS B 192 -24.12 -5.17 4.57
N GLU B 193 -23.19 -4.64 5.35
CA GLU B 193 -23.47 -3.75 6.49
C GLU B 193 -24.08 -2.43 5.99
N LYS B 194 -23.45 -1.80 5.00
CA LYS B 194 -23.98 -0.57 4.37
C LYS B 194 -25.33 -0.84 3.74
N MET B 195 -25.50 -2.05 3.22
CA MET B 195 -26.74 -2.46 2.58
C MET B 195 -27.95 -2.55 3.53
N GLU B 196 -27.71 -2.70 4.83
CA GLU B 196 -28.78 -2.70 5.84
C GLU B 196 -29.65 -1.44 5.78
N ASN B 197 -29.06 -0.33 5.34
CA ASN B 197 -29.80 0.87 4.95
C ASN B 197 -28.99 1.64 3.89
N PHE B 198 -29.12 1.25 2.62
CA PHE B 198 -28.33 1.88 1.54
C PHE B 198 -28.79 3.32 1.25
N ASP B 199 -27.85 4.16 0.84
CA ASP B 199 -28.10 5.57 0.55
C ASP B 199 -27.17 6.04 -0.58
N TYR B 200 -27.75 6.39 -1.73
CA TYR B 200 -26.96 6.79 -2.91
C TYR B 200 -26.29 8.16 -2.79
N SER B 201 -26.79 8.98 -1.87
CA SER B 201 -26.14 10.26 -1.52
C SER B 201 -25.08 10.12 -0.41
N ASN B 202 -24.68 8.88 -0.10
CA ASN B 202 -23.60 8.58 0.82
C ASN B 202 -22.37 8.14 0.01
N GLU B 203 -21.37 9.02 -0.04
CA GLU B 203 -20.16 8.80 -0.84
C GLU B 203 -19.47 7.48 -0.49
N GLU B 204 -19.42 7.19 0.81
CA GLU B 204 -18.85 5.94 1.35
C GLU B 204 -19.63 4.67 0.95
N HIS B 205 -20.95 4.77 0.82
CA HIS B 205 -21.76 3.63 0.35
C HIS B 205 -21.48 3.43 -1.14
N MET B 206 -21.37 4.53 -1.87
CA MET B 206 -21.14 4.50 -3.32
C MET B 206 -19.75 4.03 -3.70
N THR B 207 -18.73 4.44 -2.92
CA THR B 207 -17.39 3.94 -3.13
C THR B 207 -17.41 2.41 -3.02
N LEU B 208 -18.18 1.88 -2.07
CA LEU B 208 -18.32 0.43 -1.91
C LEU B 208 -19.08 -0.21 -3.05
N LEU B 209 -20.16 0.42 -3.50
CA LEU B 209 -20.93 -0.11 -4.62
C LEU B 209 -20.09 -0.26 -5.87
N LYS B 210 -19.25 0.75 -6.16
CA LYS B 210 -18.37 0.71 -7.33
C LYS B 210 -17.33 -0.42 -7.17
N MET B 211 -16.75 -0.53 -5.97
CA MET B 211 -15.87 -1.64 -5.66
C MET B 211 -16.51 -3.00 -5.96
N ILE B 212 -17.76 -3.16 -5.55
CA ILE B 212 -18.52 -4.38 -5.81
C ILE B 212 -18.79 -4.56 -7.31
N LEU B 213 -19.07 -3.48 -8.04
CA LEU B 213 -19.31 -3.57 -9.49
C LEU B 213 -18.09 -4.04 -10.29
N ILE B 214 -16.93 -3.42 -10.04
CA ILE B 214 -15.70 -3.85 -10.72
C ILE B 214 -15.38 -5.30 -10.36
N LYS B 215 -15.52 -5.65 -9.09
CA LYS B 215 -15.37 -7.04 -8.67
C LYS B 215 -16.33 -7.95 -9.41
N CYS B 216 -17.60 -7.55 -9.52
CA CYS B 216 -18.59 -8.35 -10.24
C CYS B 216 -18.15 -8.64 -11.65
N CYS B 217 -17.67 -7.61 -12.34
CA CYS B 217 -17.26 -7.73 -13.72
C CYS B 217 -15.99 -8.57 -13.88
N ASP B 218 -15.03 -8.37 -12.98
CA ASP B 218 -13.71 -9.05 -12.97
C ASP B 218 -13.88 -10.57 -13.03
N ILE B 219 -14.72 -11.10 -12.14
CA ILE B 219 -14.97 -12.53 -12.05
C ILE B 219 -16.27 -12.96 -12.76
N SER B 220 -16.66 -12.21 -13.79
CA SER B 220 -17.98 -12.38 -14.41
C SER B 220 -18.06 -13.43 -15.53
N ASN B 221 -16.99 -14.16 -15.85
CA ASN B 221 -17.05 -15.08 -16.99
C ASN B 221 -18.25 -16.05 -16.96
N GLU B 222 -18.53 -16.64 -15.81
CA GLU B 222 -19.62 -17.65 -15.72
C GLU B 222 -21.06 -17.10 -15.81
N VAL B 223 -21.21 -15.78 -15.78
CA VAL B 223 -22.50 -15.12 -16.02
C VAL B 223 -22.90 -15.20 -17.51
N ARG B 224 -21.89 -15.28 -18.38
CA ARG B 224 -22.10 -15.33 -19.81
C ARG B 224 -22.61 -16.71 -20.24
N PRO B 225 -23.12 -16.81 -21.49
CA PRO B 225 -23.50 -18.09 -22.08
C PRO B 225 -22.46 -19.20 -21.97
N MET B 226 -22.93 -20.40 -21.65
CA MET B 226 -22.10 -21.60 -21.53
C MET B 226 -21.05 -21.68 -22.65
N GLU B 227 -21.44 -21.41 -23.88
CA GLU B 227 -20.52 -21.47 -25.04
C GLU B 227 -19.41 -20.43 -24.91
N VAL B 228 -19.76 -19.23 -24.46
CA VAL B 228 -18.80 -18.13 -24.28
C VAL B 228 -17.94 -18.32 -23.03
N ALA B 229 -18.57 -18.78 -21.95
CA ALA B 229 -17.93 -18.86 -20.62
C ALA B 229 -16.93 -20.01 -20.50
N GLU B 230 -17.38 -21.20 -20.86
CA GLU B 230 -16.65 -22.46 -20.64
C GLU B 230 -15.15 -22.46 -21.03
N PRO B 231 -14.78 -21.85 -22.19
CA PRO B 231 -13.36 -21.79 -22.58
C PRO B 231 -12.43 -20.97 -21.68
N TRP B 232 -12.97 -20.06 -20.86
CA TRP B 232 -12.16 -19.30 -19.90
C TRP B 232 -11.65 -20.20 -18.78
N VAL B 233 -12.33 -21.31 -18.49
CA VAL B 233 -11.87 -22.23 -17.45
C VAL B 233 -10.58 -22.94 -17.83
N ASP B 234 -10.45 -23.32 -19.10
CA ASP B 234 -9.17 -23.88 -19.60
C ASP B 234 -8.06 -22.84 -19.53
N CYS B 235 -8.36 -21.64 -20.01
CA CYS B 235 -7.43 -20.53 -19.92
C CYS B 235 -6.96 -20.27 -18.47
N LEU B 236 -7.88 -20.39 -17.50
CA LEU B 236 -7.54 -20.17 -16.08
C LEU B 236 -6.63 -21.27 -15.58
N LEU B 237 -7.08 -22.51 -15.70
CA LEU B 237 -6.32 -23.66 -15.23
C LEU B 237 -4.97 -23.76 -15.94
N GLU B 238 -4.90 -23.46 -17.23
CA GLU B 238 -3.61 -23.48 -17.92
C GLU B 238 -2.66 -22.50 -17.25
N GLU B 239 -3.14 -21.29 -16.96
CA GLU B 239 -2.35 -20.28 -16.24
C GLU B 239 -1.99 -20.73 -14.81
N TYR B 240 -2.96 -21.32 -14.13
CA TYR B 240 -2.78 -21.85 -12.78
C TYR B 240 -1.76 -23.01 -12.71
N PHE B 241 -1.78 -23.90 -13.70
CA PHE B 241 -0.81 -25.00 -13.76
C PHE B 241 0.61 -24.47 -14.00
N MET B 242 0.72 -23.49 -14.90
CA MET B 242 1.99 -22.77 -15.15
C MET B 242 2.67 -22.31 -13.86
N GLN B 243 1.87 -21.83 -12.91
CA GLN B 243 2.36 -21.37 -11.60
C GLN B 243 2.72 -22.54 -10.69
N SER B 244 1.84 -23.53 -10.57
CA SER B 244 2.05 -24.67 -9.67
C SER B 244 3.15 -25.62 -10.14
N ASP B 245 3.42 -25.64 -11.45
CA ASP B 245 4.67 -26.23 -11.98
C ASP B 245 5.85 -25.55 -11.30
N ARG B 246 5.91 -24.23 -11.46
CA ARG B 246 6.99 -23.41 -10.97
C ARG B 246 7.13 -23.58 -9.46
N GLU B 247 6.00 -23.51 -8.75
CA GLU B 247 5.99 -23.66 -7.29
C GLU B 247 6.54 -25.00 -6.80
N LYS B 248 6.23 -26.08 -7.53
CA LYS B 248 6.76 -27.42 -7.19
C LYS B 248 8.27 -27.47 -7.41
N SER B 249 8.71 -27.12 -8.62
CA SER B 249 10.14 -27.16 -8.95
C SER B 249 11.00 -26.06 -8.31
N GLU B 250 10.37 -25.15 -7.55
CA GLU B 250 11.07 -24.20 -6.67
C GLU B 250 10.89 -24.50 -5.15
N GLY B 251 10.06 -25.49 -4.80
CA GLY B 251 9.82 -25.86 -3.40
C GLY B 251 8.94 -24.90 -2.60
N LEU B 252 8.09 -24.14 -3.30
CA LEU B 252 7.16 -23.19 -2.68
C LEU B 252 5.80 -23.86 -2.49
N PRO B 253 4.99 -23.39 -1.51
CA PRO B 253 3.68 -24.01 -1.30
C PRO B 253 2.77 -23.92 -2.55
N VAL B 254 1.90 -24.92 -2.72
CA VAL B 254 0.98 -24.98 -3.86
C VAL B 254 -0.47 -24.96 -3.37
N ALA B 255 -1.28 -24.10 -3.98
CA ALA B 255 -2.69 -23.95 -3.62
C ALA B 255 -3.48 -25.13 -4.19
N PRO B 256 -4.29 -25.83 -3.37
CA PRO B 256 -5.05 -26.99 -3.86
C PRO B 256 -5.77 -26.75 -5.20
N PHE B 257 -6.36 -25.58 -5.37
CA PHE B 257 -7.08 -25.24 -6.60
C PHE B 257 -6.20 -25.01 -7.84
N MET B 258 -4.87 -25.01 -7.67
CA MET B 258 -3.92 -24.92 -8.77
C MET B 258 -3.15 -26.23 -8.97
N ASP B 259 -3.54 -27.27 -8.25
CA ASP B 259 -2.81 -28.54 -8.21
C ASP B 259 -3.34 -29.52 -9.25
N ARG B 260 -2.59 -29.69 -10.33
CA ARG B 260 -2.82 -30.71 -11.37
C ARG B 260 -3.49 -32.01 -10.92
N ASP B 261 -3.00 -32.57 -9.81
CA ASP B 261 -3.52 -33.85 -9.31
C ASP B 261 -4.89 -33.74 -8.66
N LYS B 262 -5.25 -32.55 -8.16
CA LYS B 262 -6.48 -32.34 -7.39
C LYS B 262 -7.62 -31.71 -8.18
N VAL B 263 -7.38 -30.53 -8.73
CA VAL B 263 -8.43 -29.74 -9.39
C VAL B 263 -8.88 -30.35 -10.73
N THR B 264 -10.17 -30.19 -11.04
CA THR B 264 -10.70 -30.36 -12.38
C THR B 264 -11.45 -29.09 -12.75
N LYS B 265 -11.71 -28.95 -14.04
CA LYS B 265 -12.59 -27.90 -14.60
C LYS B 265 -13.86 -27.72 -13.74
N ALA B 266 -14.52 -28.84 -13.41
CA ALA B 266 -15.76 -28.83 -12.63
C ALA B 266 -15.59 -28.35 -11.19
N THR B 267 -14.60 -28.89 -10.46
CA THR B 267 -14.37 -28.52 -9.06
C THR B 267 -13.75 -27.12 -8.88
N ALA B 268 -13.19 -26.56 -9.94
CA ALA B 268 -12.76 -25.15 -9.96
C ALA B 268 -13.92 -24.15 -9.87
N GLN B 269 -15.06 -24.52 -10.47
CA GLN B 269 -16.19 -23.62 -10.62
C GLN B 269 -17.32 -23.84 -9.62
N ILE B 270 -17.61 -25.10 -9.25
CA ILE B 270 -18.71 -25.38 -8.32
C ILE B 270 -18.60 -24.50 -7.08
N GLY B 271 -17.44 -24.56 -6.41
CA GLY B 271 -17.17 -23.77 -5.21
C GLY B 271 -17.22 -22.27 -5.43
N PHE B 272 -16.58 -21.82 -6.51
CA PHE B 272 -16.53 -20.42 -6.90
C PHE B 272 -17.91 -19.84 -7.23
N ILE B 273 -18.71 -20.58 -7.98
CA ILE B 273 -20.05 -20.13 -8.35
C ILE B 273 -20.90 -20.04 -7.08
N LYS B 274 -20.82 -21.07 -6.23
CA LYS B 274 -21.72 -21.22 -5.11
C LYS B 274 -21.47 -20.23 -3.96
N PHE B 275 -20.20 -20.03 -3.61
CA PHE B 275 -19.81 -19.27 -2.39
C PHE B 275 -19.07 -17.95 -2.67
N VAL B 276 -18.88 -17.59 -3.93
CA VAL B 276 -18.32 -16.29 -4.29
C VAL B 276 -19.28 -15.56 -5.22
N LEU B 277 -19.50 -16.11 -6.42
CA LEU B 277 -20.35 -15.43 -7.42
C LEU B 277 -21.80 -15.25 -7.00
N ILE B 278 -22.45 -16.34 -6.60
CA ILE B 278 -23.88 -16.29 -6.29
C ILE B 278 -24.19 -15.30 -5.16
N PRO B 279 -23.48 -15.40 -4.01
CA PRO B 279 -23.78 -14.46 -2.93
C PRO B 279 -23.51 -12.99 -3.28
N MET B 280 -22.50 -12.72 -4.10
CA MET B 280 -22.20 -11.35 -4.49
C MET B 280 -23.30 -10.77 -5.36
N PHE B 281 -23.71 -11.50 -6.39
CA PHE B 281 -24.80 -11.07 -7.26
C PHE B 281 -26.16 -11.11 -6.55
N GLU B 282 -26.32 -11.97 -5.52
CA GLU B 282 -27.55 -11.99 -4.69
C GLU B 282 -27.70 -10.64 -3.98
N THR B 283 -26.66 -10.22 -3.28
CA THR B 283 -26.64 -8.91 -2.62
C THR B 283 -26.89 -7.76 -3.59
N VAL B 284 -26.21 -7.78 -4.72
CA VAL B 284 -26.36 -6.74 -5.74
C VAL B 284 -27.79 -6.71 -6.32
N THR B 285 -28.43 -7.87 -6.42
CA THR B 285 -29.82 -7.96 -6.91
C THR B 285 -30.83 -7.19 -6.03
N LYS B 286 -30.57 -7.14 -4.72
CA LYS B 286 -31.38 -6.34 -3.81
C LYS B 286 -31.45 -4.89 -4.30
N LEU B 287 -30.29 -4.34 -4.63
CA LEU B 287 -30.16 -2.97 -5.13
C LEU B 287 -30.66 -2.82 -6.58
N PHE B 288 -30.56 -3.88 -7.38
CA PHE B 288 -30.98 -3.88 -8.79
C PHE B 288 -31.68 -5.20 -9.15
N PRO B 289 -33.03 -5.28 -9.00
CA PRO B 289 -33.77 -6.55 -9.20
C PRO B 289 -33.59 -7.21 -10.56
N MET B 290 -33.39 -6.40 -11.59
CA MET B 290 -33.22 -6.89 -12.96
C MET B 290 -31.95 -7.74 -13.16
N VAL B 291 -30.99 -7.64 -12.23
CA VAL B 291 -29.78 -8.49 -12.23
C VAL B 291 -30.11 -9.99 -12.12
N GLU B 292 -31.18 -10.33 -11.39
CA GLU B 292 -31.53 -11.73 -11.14
C GLU B 292 -31.74 -12.55 -12.40
N GLU B 293 -32.63 -12.08 -13.27
CA GLU B 293 -33.04 -12.81 -14.47
C GLU B 293 -31.94 -12.92 -15.55
N ILE B 294 -31.04 -11.93 -15.58
CA ILE B 294 -30.00 -11.82 -16.61
C ILE B 294 -28.67 -12.46 -16.19
N MET B 295 -28.34 -12.36 -14.90
CA MET B 295 -27.01 -12.74 -14.42
C MET B 295 -27.05 -13.87 -13.41
N LEU B 296 -27.84 -13.71 -12.37
CA LEU B 296 -28.00 -14.77 -11.38
C LEU B 296 -28.57 -16.06 -11.99
N GLN B 297 -29.34 -15.92 -13.06
CA GLN B 297 -29.98 -17.03 -13.76
C GLN B 297 -28.99 -17.98 -14.45
N PRO B 298 -28.12 -17.45 -15.33
CA PRO B 298 -27.04 -18.30 -15.87
C PRO B 298 -26.06 -18.88 -14.84
N LEU B 299 -25.91 -18.23 -13.68
CA LEU B 299 -25.10 -18.80 -12.59
C LEU B 299 -25.71 -20.06 -11.98
N TRP B 300 -27.04 -20.14 -11.92
CA TRP B 300 -27.71 -21.37 -11.44
C TRP B 300 -27.55 -22.47 -12.47
N GLU B 301 -27.77 -22.11 -13.73
CA GLU B 301 -27.57 -23.04 -14.84
C GLU B 301 -26.12 -23.53 -14.95
N SER B 302 -25.14 -22.66 -14.66
CA SER B 302 -23.73 -23.09 -14.63
C SER B 302 -23.42 -24.00 -13.45
N ARG B 303 -23.91 -23.62 -12.27
CA ARG B 303 -23.76 -24.43 -11.06
C ARG B 303 -24.31 -25.84 -11.26
N ASP B 304 -25.51 -25.92 -11.81
CA ASP B 304 -26.18 -27.20 -12.03
C ASP B 304 -25.42 -28.06 -13.06
N ARG B 305 -24.89 -27.43 -14.11
CA ARG B 305 -24.13 -28.14 -15.13
C ARG B 305 -22.80 -28.66 -14.57
N TYR B 306 -22.05 -27.81 -13.87
CA TYR B 306 -20.73 -28.22 -13.34
C TYR B 306 -20.83 -29.26 -12.24
N GLU B 307 -21.92 -29.31 -11.49
CA GLU B 307 -22.15 -30.40 -10.54
C GLU B 307 -22.45 -31.74 -11.23
N GLU B 308 -23.13 -31.70 -12.39
CA GLU B 308 -23.34 -32.89 -13.24
C GLU B 308 -22.02 -33.38 -13.83
N LEU B 309 -21.25 -32.47 -14.40
CA LEU B 309 -19.91 -32.79 -14.89
C LEU B 309 -19.04 -33.48 -13.83
N LYS B 310 -19.12 -33.03 -12.57
CA LYS B 310 -18.41 -33.70 -11.48
C LYS B 310 -18.90 -35.14 -11.26
N ARG B 311 -20.21 -35.37 -11.35
CA ARG B 311 -20.75 -36.72 -11.20
C ARG B 311 -20.17 -37.67 -12.26
N ILE B 312 -19.96 -37.14 -13.47
CA ILE B 312 -19.40 -37.93 -14.57
C ILE B 312 -17.88 -38.11 -14.45
N ASP B 313 -17.18 -37.03 -14.11
CA ASP B 313 -15.75 -37.10 -13.79
C ASP B 313 -15.50 -38.12 -12.68
N ASP B 314 -16.22 -37.97 -11.57
CA ASP B 314 -16.04 -38.87 -10.42
C ASP B 314 -16.36 -40.33 -10.77
N ALA B 315 -17.46 -40.55 -11.49
CA ALA B 315 -17.84 -41.87 -12.02
C ALA B 315 -16.74 -42.45 -12.90
N MET B 316 -16.12 -41.60 -13.70
CA MET B 316 -14.99 -42.01 -14.54
C MET B 316 -13.68 -42.29 -13.76
N LYS B 317 -13.45 -41.62 -12.61
CA LYS B 317 -12.28 -41.92 -11.74
C LYS B 317 -12.42 -43.26 -11.01
N GLU B 318 -13.64 -43.79 -10.89
CA GLU B 318 -13.84 -45.13 -10.29
C GLU B 318 -13.32 -46.24 -11.20
N LEU B 319 -13.02 -45.94 -12.46
CA LEU B 319 -12.46 -46.89 -13.42
C LEU B 319 -10.92 -46.87 -13.44
N GLN B 320 -10.33 -45.75 -12.99
CA GLN B 320 -8.90 -45.48 -13.21
C GLN B 320 -7.99 -46.03 -12.12
N LYS B 321 -8.34 -45.79 -10.87
CA LYS B 321 -7.41 -45.98 -9.77
C LYS B 321 -7.16 -47.46 -9.48
N LYS B 322 -5.89 -47.80 -9.24
CA LYS B 322 -5.43 -49.20 -9.12
C LYS B 322 -5.11 -49.56 -7.65
#